data_5B0Q
#
_entry.id   5B0Q
#
_cell.length_a   146.212
_cell.length_b   146.212
_cell.length_c   105.841
_cell.angle_alpha   90.00
_cell.angle_beta   90.00
_cell.angle_gamma   120.00
#
_symmetry.space_group_name_H-M   'P 31 2 1'
#
loop_
_entity.id
_entity.type
_entity.pdbx_description
1 polymer 'Lin0857 protein'
2 non-polymer alpha-D-mannopyranose
3 non-polymer 'SULFATE ION'
4 non-polymer '2-(N-MORPHOLINO)-ETHANESULFONIC ACID'
5 water water
#
_entity_poly.entity_id   1
_entity_poly.type   'polypeptide(L)'
_entity_poly.pdbx_seq_one_letter_code
;MNIYRYEENPLITPLDVKPIHEGFEVIGAFNGGVAEYNGEVLLLLRVAEKPVSEDPEIVLAPVYNAKNKELELQSFRLDD
ENYDFEDPRMIRSKAKLEGFSYLTSLSYIRIARSKDGHHFTLDEKPFLYPFNEYQTFGIEDARVTQIGDTYHVNFSAVSE
FGVADALVTTKDFENLEYQGNIFAPENKDVLIFPEKINGKYYALHRPSLKSIGNLDIWIASSPDLRSFGDHRHLLGIRPG
EYDSGRVGGGCVPIKTEEGWLILYHGATEENRYVMGAALLDLNDPTIVLKRTKTPILEPVADYEKNGFFGDVVFACGAIQ
EGDTLHMYYGVADTSMAGCDMKISEILHQLEVEAKLEHHHHHH
;
_entity_poly.pdbx_strand_id   A,B
#
# COMPACT_ATOMS: atom_id res chain seq x y z
N MET A 1 28.84 -5.20 -22.95
CA MET A 1 29.53 -6.04 -21.94
C MET A 1 29.24 -7.50 -22.30
N ASN A 2 29.86 -8.43 -21.59
CA ASN A 2 29.69 -9.85 -21.95
C ASN A 2 28.29 -10.34 -21.56
N ILE A 3 27.41 -10.51 -22.55
CA ILE A 3 26.12 -11.12 -22.31
C ILE A 3 25.97 -12.48 -23.01
N TYR A 4 26.15 -13.55 -22.26
CA TYR A 4 26.06 -14.87 -22.84
C TYR A 4 24.63 -15.37 -22.76
N ARG A 5 23.83 -15.13 -23.80
CA ARG A 5 22.52 -15.77 -23.93
C ARG A 5 22.65 -17.23 -24.31
N TYR A 6 22.07 -18.09 -23.49
CA TYR A 6 22.21 -19.55 -23.69
C TYR A 6 21.74 -20.04 -25.04
N GLU A 7 22.50 -20.98 -25.59
CA GLU A 7 22.17 -21.59 -26.91
C GLU A 7 20.76 -22.17 -26.90
N GLU A 8 20.31 -22.61 -25.74
CA GLU A 8 19.05 -23.31 -25.66
C GLU A 8 17.84 -22.34 -25.47
N ASN A 9 18.07 -21.02 -25.39
CA ASN A 9 16.97 -20.12 -25.11
C ASN A 9 15.93 -20.14 -26.26
N PRO A 10 14.63 -20.05 -25.97
CA PRO A 10 14.08 -20.05 -24.61
C PRO A 10 14.18 -21.44 -23.99
N LEU A 11 14.58 -21.50 -22.74
CA LEU A 11 14.76 -22.75 -22.01
C LEU A 11 13.50 -23.53 -21.77
N ILE A 12 12.41 -22.83 -21.46
CA ILE A 12 11.13 -23.46 -21.14
C ILE A 12 10.05 -22.55 -21.72
N THR A 13 9.19 -23.09 -22.57
CA THR A 13 8.11 -22.32 -23.20
C THR A 13 6.76 -22.93 -22.78
N PRO A 14 5.62 -22.30 -23.15
CA PRO A 14 4.31 -22.93 -22.99
C PRO A 14 4.17 -24.33 -23.59
N LEU A 15 4.83 -24.58 -24.71
CA LEU A 15 4.82 -25.92 -25.30
C LEU A 15 5.38 -26.99 -24.35
N ASP A 16 6.28 -26.64 -23.43
CA ASP A 16 6.85 -27.65 -22.51
C ASP A 16 5.98 -27.92 -21.28
N VAL A 17 4.80 -27.27 -21.15
CA VAL A 17 3.96 -27.34 -19.98
C VAL A 17 2.55 -27.65 -20.36
N LYS A 18 2.03 -28.68 -19.71
CA LYS A 18 0.66 -29.10 -19.94
C LYS A 18 -0.25 -28.37 -18.89
N PRO A 19 -1.39 -27.87 -19.32
CA PRO A 19 -2.34 -27.17 -18.46
C PRO A 19 -3.01 -28.11 -17.40
N ILE A 20 -3.16 -27.67 -16.18
CA ILE A 20 -3.78 -28.48 -15.14
C ILE A 20 -5.28 -28.23 -15.12
N HIS A 21 -5.79 -27.20 -15.79
CA HIS A 21 -7.21 -26.99 -15.78
C HIS A 21 -7.69 -27.41 -17.14
N GLU A 22 -8.74 -28.21 -17.14
CA GLU A 22 -9.36 -28.60 -18.35
C GLU A 22 -10.12 -27.41 -19.03
N GLY A 23 -9.97 -27.26 -20.34
CA GLY A 23 -10.57 -26.12 -21.06
C GLY A 23 -9.72 -24.85 -21.04
N PHE A 24 -8.43 -25.03 -20.62
CA PHE A 24 -7.48 -23.93 -20.51
C PHE A 24 -6.25 -24.29 -21.38
N GLU A 25 -5.52 -23.25 -21.68
CA GLU A 25 -4.36 -23.24 -22.53
C GLU A 25 -3.26 -22.56 -21.70
N VAL A 26 -2.04 -23.09 -21.70
CA VAL A 26 -0.89 -22.47 -21.04
C VAL A 26 -0.39 -21.39 -21.96
N ILE A 27 -0.37 -20.15 -21.50
CA ILE A 27 0.05 -18.98 -22.30
C ILE A 27 1.40 -18.41 -21.82
N GLY A 28 1.86 -18.88 -20.64
CA GLY A 28 3.18 -18.55 -20.16
C GLY A 28 3.79 -19.41 -19.09
N ALA A 29 5.11 -19.55 -19.13
CA ALA A 29 5.85 -20.16 -18.08
C ALA A 29 7.08 -19.28 -17.98
N PHE A 30 7.08 -18.42 -16.96
CA PHE A 30 7.91 -17.24 -17.02
C PHE A 30 8.16 -16.68 -15.64
N ASN A 31 9.02 -15.65 -15.57
CA ASN A 31 9.37 -14.93 -14.39
C ASN A 31 9.68 -15.82 -13.22
N GLY A 32 10.47 -16.85 -13.45
CA GLY A 32 10.84 -17.78 -12.40
C GLY A 32 11.75 -17.24 -11.31
N GLY A 33 11.37 -17.45 -10.05
CA GLY A 33 12.28 -17.24 -8.91
C GLY A 33 13.39 -18.31 -8.98
N VAL A 34 14.51 -18.06 -8.33
CA VAL A 34 15.76 -18.81 -8.55
C VAL A 34 16.36 -19.23 -7.21
N ALA A 35 16.54 -20.54 -7.04
CA ALA A 35 17.25 -21.03 -5.89
C ALA A 35 18.22 -22.15 -6.25
N GLU A 36 19.24 -22.34 -5.39
CA GLU A 36 20.01 -23.59 -5.48
C GLU A 36 19.56 -24.54 -4.37
N TYR A 37 19.19 -25.76 -4.73
CA TYR A 37 18.79 -26.73 -3.73
C TYR A 37 19.20 -28.15 -4.04
N ASN A 38 19.93 -28.75 -3.08
CA ASN A 38 20.35 -30.14 -3.19
C ASN A 38 21.17 -30.42 -4.47
N GLY A 39 22.06 -29.50 -4.77
CA GLY A 39 22.92 -29.57 -5.98
C GLY A 39 22.28 -29.23 -7.32
N GLU A 40 21.01 -28.74 -7.35
CA GLU A 40 20.32 -28.32 -8.59
C GLU A 40 19.90 -26.83 -8.57
N VAL A 41 19.73 -26.28 -9.77
CA VAL A 41 19.15 -24.94 -9.93
C VAL A 41 17.65 -25.16 -9.95
N LEU A 42 16.92 -24.46 -9.08
CA LEU A 42 15.42 -24.45 -9.18
C LEU A 42 14.89 -23.12 -9.78
N LEU A 43 13.89 -23.25 -10.64
CA LEU A 43 13.12 -22.16 -11.18
C LEU A 43 11.70 -22.30 -10.66
N LEU A 44 11.26 -21.31 -9.89
CA LEU A 44 9.87 -21.27 -9.43
C LEU A 44 9.06 -20.56 -10.46
N LEU A 45 8.58 -21.33 -11.43
CA LEU A 45 7.99 -20.79 -12.66
C LEU A 45 6.60 -20.31 -12.33
N ARG A 46 6.31 -19.14 -12.90
CA ARG A 46 4.96 -18.67 -12.96
C ARG A 46 4.34 -19.27 -14.19
N VAL A 47 3.33 -20.11 -13.99
CA VAL A 47 2.65 -20.74 -15.09
C VAL A 47 1.30 -20.05 -15.17
N ALA A 48 0.98 -19.50 -16.33
CA ALA A 48 -0.27 -18.77 -16.51
C ALA A 48 -1.20 -19.51 -17.44
N GLU A 49 -2.46 -19.65 -17.02
CA GLU A 49 -3.40 -20.44 -17.82
C GLU A 49 -4.63 -19.63 -18.14
N LYS A 50 -5.06 -19.78 -19.38
CA LYS A 50 -6.09 -19.01 -19.92
C LYS A 50 -7.25 -19.92 -20.33
N PRO A 51 -8.46 -19.64 -19.86
CA PRO A 51 -9.64 -20.37 -20.33
C PRO A 51 -9.98 -20.03 -21.76
N VAL A 52 -10.16 -21.08 -22.56
CA VAL A 52 -10.35 -20.97 -24.00
C VAL A 52 -11.85 -20.94 -24.24
N SER A 53 -12.28 -20.09 -25.13
CA SER A 53 -13.67 -20.04 -25.60
C SER A 53 -13.59 -20.31 -27.10
N GLU A 54 -14.45 -21.13 -27.66
CA GLU A 54 -14.51 -21.31 -29.13
C GLU A 54 -15.20 -20.16 -29.89
N ASP A 55 -15.95 -19.31 -29.20
CA ASP A 55 -16.61 -18.16 -29.79
C ASP A 55 -15.66 -16.98 -29.71
N PRO A 56 -15.21 -16.48 -30.84
CA PRO A 56 -14.22 -15.41 -30.83
C PRO A 56 -14.72 -14.03 -30.42
N GLU A 57 -16.02 -13.87 -30.33
CA GLU A 57 -16.64 -12.66 -29.80
C GLU A 57 -16.72 -12.62 -28.25
N ILE A 58 -16.37 -13.72 -27.60
CA ILE A 58 -16.39 -13.86 -26.14
C ILE A 58 -15.02 -14.18 -25.51
N VAL A 59 -14.77 -13.68 -24.32
CA VAL A 59 -13.55 -14.00 -23.57
C VAL A 59 -13.92 -14.28 -22.12
N LEU A 60 -13.08 -15.07 -21.43
CA LEU A 60 -13.34 -15.55 -20.14
C LEU A 60 -12.23 -15.13 -19.19
N ALA A 61 -12.64 -14.77 -17.95
CA ALA A 61 -11.74 -14.45 -16.83
C ALA A 61 -11.85 -15.57 -15.83
N PRO A 62 -10.73 -16.17 -15.42
CA PRO A 62 -10.74 -17.26 -14.46
C PRO A 62 -10.51 -16.74 -13.07
N VAL A 63 -11.34 -17.21 -12.13
CA VAL A 63 -11.33 -16.83 -10.76
C VAL A 63 -11.40 -18.13 -9.92
N TYR A 64 -10.47 -18.28 -9.00
CA TYR A 64 -10.52 -19.36 -8.06
C TYR A 64 -11.25 -18.88 -6.80
N ASN A 65 -12.37 -19.52 -6.52
CA ASN A 65 -13.23 -19.17 -5.43
C ASN A 65 -12.68 -19.87 -4.22
N ALA A 66 -12.14 -19.08 -3.32
CA ALA A 66 -11.48 -19.60 -2.09
C ALA A 66 -12.46 -20.29 -1.09
N LYS A 67 -13.71 -19.81 -1.05
CA LYS A 67 -14.79 -20.36 -0.21
C LYS A 67 -15.18 -21.78 -0.72
N ASN A 68 -15.41 -21.93 -2.02
CA ASN A 68 -15.91 -23.18 -2.61
C ASN A 68 -14.87 -24.08 -3.05
N LYS A 69 -13.65 -23.60 -2.99
CA LYS A 69 -12.52 -24.36 -3.49
C LYS A 69 -12.64 -24.81 -4.95
N GLU A 70 -13.15 -23.94 -5.81
CA GLU A 70 -13.22 -24.24 -7.23
C GLU A 70 -13.19 -22.99 -8.13
N LEU A 71 -12.93 -23.25 -9.41
CA LEU A 71 -12.71 -22.28 -10.41
C LEU A 71 -14.02 -21.84 -11.01
N GLU A 72 -14.26 -20.55 -11.04
CA GLU A 72 -15.36 -19.98 -11.76
C GLU A 72 -14.87 -19.14 -12.93
N LEU A 73 -15.66 -19.08 -14.02
CA LEU A 73 -15.34 -18.31 -15.25
C LEU A 73 -16.32 -17.16 -15.42
N GLN A 74 -15.85 -15.94 -15.53
CA GLN A 74 -16.69 -14.82 -15.81
C GLN A 74 -16.57 -14.59 -17.32
N SER A 75 -17.67 -14.42 -18.06
CA SER A 75 -17.52 -14.13 -19.49
C SER A 75 -17.85 -12.68 -19.87
N PHE A 76 -17.22 -12.22 -20.95
CA PHE A 76 -17.43 -10.91 -21.46
C PHE A 76 -17.52 -11.01 -22.98
N ARG A 77 -18.30 -10.11 -23.56
CA ARG A 77 -18.21 -9.82 -24.97
C ARG A 77 -17.13 -8.79 -25.24
N LEU A 78 -16.30 -9.07 -26.23
CA LEU A 78 -15.35 -8.12 -26.70
C LEU A 78 -15.94 -6.80 -27.11
N ASP A 79 -17.18 -6.78 -27.61
CA ASP A 79 -17.83 -5.54 -27.99
C ASP A 79 -18.58 -4.80 -26.83
N ASP A 80 -18.39 -5.22 -25.58
CA ASP A 80 -19.07 -4.60 -24.44
C ASP A 80 -18.45 -3.21 -24.30
N GLU A 81 -19.30 -2.20 -24.42
CA GLU A 81 -18.85 -0.79 -24.55
C GLU A 81 -18.31 -0.27 -23.19
N ASN A 82 -18.59 -0.97 -22.07
CA ASN A 82 -18.04 -0.67 -20.75
C ASN A 82 -16.66 -1.25 -20.40
N TYR A 83 -16.06 -2.02 -21.30
CA TYR A 83 -14.83 -2.75 -21.00
C TYR A 83 -13.81 -2.57 -22.15
N ASP A 84 -12.55 -2.68 -21.75
CA ASP A 84 -11.49 -2.50 -22.61
C ASP A 84 -10.61 -3.76 -22.52
N PHE A 85 -10.36 -4.33 -23.69
CA PHE A 85 -9.56 -5.52 -23.85
C PHE A 85 -8.29 -5.29 -24.59
N GLU A 86 -7.78 -4.06 -24.67
CA GLU A 86 -6.54 -3.77 -25.43
C GLU A 86 -5.27 -4.24 -24.73
N ASP A 87 -5.27 -4.30 -23.41
CA ASP A 87 -4.10 -4.84 -22.75
C ASP A 87 -4.42 -6.37 -22.62
N PRO A 88 -3.63 -7.20 -23.27
CA PRO A 88 -3.95 -8.62 -23.29
C PRO A 88 -3.90 -9.30 -21.93
N ARG A 89 -3.35 -8.63 -20.92
CA ARG A 89 -3.18 -9.20 -19.60
C ARG A 89 -4.40 -9.00 -18.73
N MET A 90 -5.31 -8.13 -19.16
CA MET A 90 -6.37 -7.69 -18.28
C MET A 90 -7.63 -7.28 -19.00
N ILE A 91 -8.69 -7.37 -18.22
CA ILE A 91 -10.03 -6.91 -18.62
C ILE A 91 -10.33 -5.68 -17.74
N ARG A 92 -10.35 -4.53 -18.38
CA ARG A 92 -10.44 -3.27 -17.70
C ARG A 92 -11.77 -2.63 -17.96
N SER A 93 -12.30 -1.97 -16.94
CA SER A 93 -13.44 -1.08 -17.13
C SER A 93 -12.94 0.19 -17.84
N LYS A 94 -13.74 0.73 -18.76
CA LYS A 94 -13.36 2.01 -19.42
C LYS A 94 -13.24 3.17 -18.48
N ALA A 95 -14.02 3.16 -17.40
CA ALA A 95 -13.89 4.16 -16.38
C ALA A 95 -12.65 3.93 -15.42
N LYS A 96 -11.75 2.98 -15.69
CA LYS A 96 -10.72 2.65 -14.74
C LYS A 96 -9.57 1.94 -15.42
N LEU A 97 -9.08 2.58 -16.46
CA LEU A 97 -8.06 1.99 -17.30
C LEU A 97 -6.74 1.90 -16.63
N GLU A 98 -6.56 2.63 -15.54
CA GLU A 98 -5.42 2.49 -14.65
C GLU A 98 -5.43 1.19 -13.77
N GLY A 99 -6.51 0.41 -13.83
CA GLY A 99 -6.63 -0.79 -13.04
C GLY A 99 -7.13 -1.96 -13.84
N PHE A 100 -7.80 -2.88 -13.14
CA PHE A 100 -8.41 -4.04 -13.82
C PHE A 100 -9.58 -4.62 -13.03
N SER A 101 -10.58 -5.09 -13.74
CA SER A 101 -11.65 -5.79 -13.07
C SER A 101 -11.28 -7.27 -12.90
N TYR A 102 -10.64 -7.81 -13.92
CA TYR A 102 -10.27 -9.23 -14.05
C TYR A 102 -8.94 -9.36 -14.83
N LEU A 103 -8.27 -10.49 -14.65
CA LEU A 103 -7.13 -10.87 -15.42
C LEU A 103 -7.60 -11.83 -16.48
N THR A 104 -6.76 -12.02 -17.52
CA THR A 104 -7.12 -12.89 -18.65
C THR A 104 -6.69 -14.34 -18.45
N SER A 105 -5.90 -14.55 -17.39
CA SER A 105 -5.36 -15.82 -17.06
C SER A 105 -5.22 -15.89 -15.52
N LEU A 106 -5.05 -17.12 -15.08
CA LEU A 106 -4.76 -17.45 -13.67
C LEU A 106 -3.40 -18.16 -13.56
N SER A 107 -2.58 -17.65 -12.67
CA SER A 107 -1.24 -18.18 -12.50
C SER A 107 -1.07 -18.94 -11.21
N TYR A 108 -0.13 -19.89 -11.29
CA TYR A 108 0.40 -20.61 -10.14
C TYR A 108 1.90 -20.89 -10.35
N ILE A 109 2.55 -21.31 -9.28
CA ILE A 109 3.94 -21.64 -9.28
C ILE A 109 4.16 -23.17 -9.45
N ARG A 110 5.06 -23.51 -10.37
CA ARG A 110 5.50 -24.84 -10.63
C ARG A 110 7.02 -24.85 -10.76
N ILE A 111 7.66 -25.82 -10.10
CA ILE A 111 9.13 -25.86 -10.09
C ILE A 111 9.68 -26.61 -11.25
N ALA A 112 10.77 -26.13 -11.82
CA ALA A 112 11.63 -26.88 -12.78
C ALA A 112 13.02 -27.00 -12.19
N ARG A 113 13.74 -28.10 -12.44
CA ARG A 113 15.13 -28.26 -11.93
C ARG A 113 16.14 -28.63 -13.02
N SER A 114 17.38 -28.29 -12.76
CA SER A 114 18.51 -28.50 -13.71
C SER A 114 19.80 -28.77 -12.94
N LYS A 115 20.52 -29.77 -13.44
CA LYS A 115 21.87 -30.10 -12.98
C LYS A 115 22.84 -29.18 -13.71
N ASP A 116 22.64 -28.95 -14.99
CA ASP A 116 23.63 -28.11 -15.71
C ASP A 116 23.35 -26.59 -15.79
N GLY A 117 22.21 -26.13 -15.27
CA GLY A 117 21.81 -24.75 -15.42
C GLY A 117 21.14 -24.39 -16.75
N HIS A 118 21.08 -25.32 -17.68
CA HIS A 118 20.55 -25.04 -19.04
C HIS A 118 19.34 -25.89 -19.47
N HIS A 119 19.32 -27.17 -19.08
CA HIS A 119 18.27 -28.11 -19.44
C HIS A 119 17.50 -28.39 -18.21
N PHE A 120 16.18 -28.21 -18.33
CA PHE A 120 15.32 -28.22 -17.14
C PHE A 120 14.27 -29.30 -17.22
N THR A 121 13.99 -29.88 -16.06
CA THR A 121 12.93 -30.84 -15.90
C THR A 121 11.91 -30.31 -14.89
N LEU A 122 10.65 -30.38 -15.26
CA LEU A 122 9.60 -29.89 -14.38
C LEU A 122 9.23 -30.88 -13.32
N ASP A 123 9.08 -30.46 -12.07
CA ASP A 123 8.37 -31.28 -11.10
C ASP A 123 7.01 -31.65 -11.65
N GLU A 124 6.41 -32.75 -11.18
CA GLU A 124 5.21 -33.21 -11.83
C GLU A 124 3.97 -32.40 -11.42
N LYS A 125 3.99 -31.84 -10.22
CA LYS A 125 2.81 -31.16 -9.75
C LYS A 125 3.11 -29.71 -9.44
N PRO A 126 2.05 -28.90 -9.27
CA PRO A 126 2.27 -27.53 -8.83
C PRO A 126 2.97 -27.42 -7.50
N PHE A 127 3.57 -26.28 -7.24
CA PHE A 127 4.22 -26.04 -5.97
C PHE A 127 3.37 -25.12 -5.07
N LEU A 128 2.87 -24.02 -5.60
CA LEU A 128 1.95 -23.16 -4.88
C LEU A 128 0.84 -22.85 -5.82
N TYR A 129 -0.38 -23.01 -5.32
CA TYR A 129 -1.56 -22.81 -6.09
C TYR A 129 -2.50 -21.98 -5.19
N PRO A 130 -3.20 -20.96 -5.76
CA PRO A 130 -4.08 -20.17 -4.94
C PRO A 130 -4.77 -20.96 -3.77
N PHE A 131 -4.51 -20.56 -2.53
CA PHE A 131 -5.06 -21.27 -1.40
C PHE A 131 -5.84 -20.41 -0.43
N ASN A 132 -6.06 -19.12 -0.70
CA ASN A 132 -6.88 -18.31 0.17
C ASN A 132 -7.48 -17.14 -0.62
N GLU A 133 -8.12 -16.26 0.11
CA GLU A 133 -8.98 -15.26 -0.47
C GLU A 133 -8.14 -14.04 -0.99
N TYR A 134 -6.82 -14.04 -0.74
CA TYR A 134 -5.91 -13.06 -1.26
C TYR A 134 -5.33 -13.42 -2.61
N GLN A 135 -5.72 -14.59 -3.12
CA GLN A 135 -5.06 -15.25 -4.23
C GLN A 135 -5.99 -15.79 -5.29
N THR A 136 -7.23 -15.35 -5.26
CA THR A 136 -8.29 -15.84 -6.15
C THR A 136 -8.00 -15.54 -7.63
N PHE A 137 -7.19 -14.52 -7.93
CA PHE A 137 -6.86 -14.21 -9.38
C PHE A 137 -5.52 -14.77 -9.77
N GLY A 138 -4.77 -15.32 -8.82
CA GLY A 138 -3.51 -15.99 -9.10
C GLY A 138 -2.42 -15.77 -8.07
N ILE A 139 -1.40 -16.60 -8.15
CA ILE A 139 -0.15 -16.39 -7.44
C ILE A 139 0.85 -16.19 -8.58
N GLU A 140 1.62 -15.11 -8.48
CA GLU A 140 2.51 -14.66 -9.57
C GLU A 140 3.90 -14.29 -9.09
N ASP A 141 4.87 -14.51 -9.94
CA ASP A 141 6.18 -13.87 -9.82
C ASP A 141 6.81 -14.16 -8.49
N ALA A 142 7.00 -15.43 -8.17
CA ALA A 142 7.69 -15.81 -6.93
C ALA A 142 9.20 -15.42 -6.90
N ARG A 143 9.64 -14.78 -5.84
CA ARG A 143 11.05 -14.51 -5.63
C ARG A 143 11.57 -15.39 -4.53
N VAL A 144 12.89 -15.69 -4.57
CA VAL A 144 13.48 -16.57 -3.53
C VAL A 144 14.75 -16.04 -2.95
N THR A 145 14.72 -15.79 -1.64
CA THR A 145 15.87 -15.33 -0.93
C THR A 145 16.26 -16.43 0.08
N GLN A 146 17.45 -16.99 -0.05
CA GLN A 146 17.92 -18.03 0.89
C GLN A 146 18.79 -17.38 1.96
N ILE A 147 18.39 -17.53 3.22
CA ILE A 147 19.22 -17.12 4.36
C ILE A 147 19.47 -18.38 5.21
N GLY A 148 20.74 -18.81 5.32
CA GLY A 148 21.05 -20.01 6.15
C GLY A 148 20.33 -21.16 5.48
N ASP A 149 19.64 -22.02 6.22
CA ASP A 149 18.96 -23.13 5.57
C ASP A 149 17.53 -22.78 5.12
N THR A 150 17.09 -21.53 5.38
CA THR A 150 15.69 -21.17 5.11
C THR A 150 15.53 -20.45 3.77
N TYR A 151 14.70 -21.02 2.92
CA TYR A 151 14.28 -20.37 1.61
C TYR A 151 13.00 -19.53 1.82
N HIS A 152 13.11 -18.22 1.50
CA HIS A 152 11.94 -17.31 1.58
C HIS A 152 11.35 -17.10 0.16
N VAL A 153 10.12 -17.55 0.02
CA VAL A 153 9.46 -17.54 -1.23
C VAL A 153 8.29 -16.55 -1.15
N ASN A 154 8.47 -15.39 -1.76
CA ASN A 154 7.45 -14.37 -1.66
C ASN A 154 6.93 -13.99 -3.06
N PHE A 155 5.64 -13.61 -3.12
CA PHE A 155 4.94 -13.56 -4.39
C PHE A 155 3.76 -12.61 -4.36
N SER A 156 3.36 -12.22 -5.55
CA SER A 156 2.16 -11.44 -5.72
C SER A 156 0.96 -12.37 -5.45
N ALA A 157 0.06 -11.87 -4.58
CA ALA A 157 -1.21 -12.49 -4.26
C ALA A 157 -2.28 -11.50 -4.71
N VAL A 158 -2.91 -11.85 -5.83
CA VAL A 158 -3.92 -11.07 -6.46
C VAL A 158 -5.35 -11.58 -6.13
N SER A 159 -6.18 -10.64 -5.72
CA SER A 159 -7.63 -10.91 -5.54
C SER A 159 -8.46 -9.61 -5.70
N GLU A 160 -9.74 -9.72 -5.40
CA GLU A 160 -10.68 -8.67 -5.37
C GLU A 160 -10.37 -7.67 -4.27
N PHE A 161 -9.57 -8.07 -3.27
CA PHE A 161 -9.10 -7.18 -2.20
C PHE A 161 -7.85 -6.32 -2.53
N GLY A 162 -7.18 -6.63 -3.64
CA GLY A 162 -5.93 -6.03 -4.01
C GLY A 162 -4.86 -6.99 -4.46
N VAL A 163 -3.74 -6.36 -4.83
CA VAL A 163 -2.49 -7.02 -5.14
C VAL A 163 -1.57 -6.83 -3.94
N ALA A 164 -1.50 -7.87 -3.15
CA ALA A 164 -0.60 -7.91 -2.00
C ALA A 164 0.64 -8.80 -2.28
N ASP A 165 1.56 -8.85 -1.35
CA ASP A 165 2.76 -9.69 -1.43
C ASP A 165 2.79 -10.61 -0.19
N ALA A 166 2.82 -11.91 -0.44
CA ALA A 166 2.71 -12.92 0.58
C ALA A 166 4.00 -13.78 0.62
N LEU A 167 4.25 -14.38 1.78
CA LEU A 167 5.49 -15.11 2.04
C LEU A 167 5.21 -16.55 2.48
N VAL A 168 5.92 -17.50 1.87
CA VAL A 168 6.04 -18.88 2.36
C VAL A 168 7.51 -19.22 2.65
N THR A 169 7.79 -19.86 3.78
CA THR A 169 9.17 -20.34 4.08
C THR A 169 9.25 -21.85 3.98
N THR A 170 10.42 -22.31 3.59
CA THR A 170 10.67 -23.74 3.56
C THR A 170 12.17 -23.97 3.61
N LYS A 171 12.53 -25.16 4.07
CA LYS A 171 13.92 -25.60 4.10
C LYS A 171 14.19 -26.63 3.03
N ASP A 172 13.16 -27.19 2.44
CA ASP A 172 13.29 -28.31 1.53
C ASP A 172 12.34 -28.30 0.30
N PHE A 173 11.54 -27.25 0.13
CA PHE A 173 10.56 -27.18 -1.00
C PHE A 173 9.53 -28.25 -1.01
N GLU A 174 9.27 -28.81 0.17
CA GLU A 174 8.24 -29.87 0.33
C GLU A 174 7.38 -29.53 1.51
N ASN A 175 7.98 -29.19 2.66
CA ASN A 175 7.21 -28.68 3.80
C ASN A 175 7.28 -27.18 3.89
N LEU A 176 6.11 -26.58 3.83
CA LEU A 176 5.94 -25.16 3.60
C LEU A 176 5.17 -24.58 4.75
N GLU A 177 5.56 -23.37 5.14
CA GLU A 177 4.96 -22.61 6.20
C GLU A 177 4.50 -21.25 5.60
N TYR A 178 3.19 -20.99 5.68
CA TYR A 178 2.63 -19.76 5.30
C TYR A 178 2.82 -18.72 6.36
N GLN A 179 3.34 -17.56 5.95
CA GLN A 179 3.59 -16.41 6.82
C GLN A 179 2.72 -15.18 6.60
N GLY A 180 1.68 -15.30 5.83
CA GLY A 180 0.80 -14.15 5.59
C GLY A 180 1.25 -13.17 4.48
N ASN A 181 0.42 -12.16 4.36
CA ASN A 181 0.74 -11.03 3.51
C ASN A 181 1.75 -10.14 4.20
N ILE A 182 3.00 -10.22 3.78
CA ILE A 182 4.07 -9.41 4.43
C ILE A 182 4.06 -7.94 3.99
N PHE A 183 3.48 -7.69 2.83
CA PHE A 183 3.28 -6.31 2.40
C PHE A 183 1.82 -6.11 2.04
N ALA A 184 1.24 -5.05 2.59
CA ALA A 184 -0.15 -4.76 2.25
C ALA A 184 -0.33 -4.45 0.75
N PRO A 185 -1.56 -4.60 0.23
CA PRO A 185 -1.78 -4.05 -1.10
C PRO A 185 -1.80 -2.53 -1.04
N GLU A 186 -1.51 -1.89 -2.15
CA GLU A 186 -1.11 -2.48 -3.40
C GLU A 186 0.43 -2.50 -3.49
N ASN A 187 1.02 -3.67 -3.67
CA ASN A 187 2.47 -3.78 -3.72
C ASN A 187 2.84 -5.06 -4.46
N LYS A 188 4.10 -5.11 -4.93
CA LYS A 188 4.75 -6.32 -5.49
C LYS A 188 6.27 -6.08 -5.72
N ASP A 189 6.94 -7.02 -6.38
CA ASP A 189 8.39 -6.87 -6.67
C ASP A 189 9.16 -6.66 -5.33
N VAL A 190 8.85 -7.54 -4.37
CA VAL A 190 9.41 -7.53 -3.06
C VAL A 190 10.62 -8.47 -3.06
N LEU A 191 11.79 -7.91 -2.77
CA LEU A 191 13.09 -8.66 -2.77
C LEU A 191 13.69 -8.57 -1.36
N ILE A 192 13.73 -9.70 -0.69
CA ILE A 192 14.34 -9.80 0.63
C ILE A 192 15.87 -9.85 0.51
N PHE A 193 16.57 -8.99 1.23
CA PHE A 193 18.01 -9.01 1.25
C PHE A 193 18.53 -10.32 1.87
N PRO A 194 19.62 -10.91 1.31
CA PRO A 194 20.08 -12.28 1.71
C PRO A 194 20.80 -12.34 3.10
N GLU A 195 20.92 -11.23 3.81
CA GLU A 195 21.35 -11.31 5.20
C GLU A 195 20.84 -10.16 6.08
N LYS A 196 20.98 -10.34 7.40
CA LYS A 196 20.79 -9.26 8.37
C LYS A 196 21.90 -8.22 8.25
N ILE A 197 21.55 -6.96 8.21
CA ILE A 197 22.48 -5.87 7.94
C ILE A 197 22.40 -4.87 9.09
N ASN A 198 23.46 -4.86 9.89
CA ASN A 198 23.56 -4.06 11.11
C ASN A 198 22.40 -4.17 12.04
N GLY A 199 22.05 -5.42 12.32
CA GLY A 199 20.99 -5.77 13.21
C GLY A 199 19.55 -5.70 12.67
N LYS A 200 19.34 -5.48 11.37
CA LYS A 200 18.00 -5.51 10.78
C LYS A 200 17.95 -6.27 9.48
N TYR A 201 16.84 -6.96 9.21
CA TYR A 201 16.56 -7.42 7.86
C TYR A 201 16.03 -6.25 7.02
N TYR A 202 16.19 -6.37 5.71
CA TYR A 202 15.60 -5.48 4.76
C TYR A 202 14.92 -6.20 3.58
N ALA A 203 14.04 -5.43 2.91
CA ALA A 203 13.45 -5.83 1.60
C ALA A 203 13.18 -4.64 0.71
N LEU A 204 13.47 -4.81 -0.56
CA LEU A 204 12.90 -3.91 -1.55
C LEU A 204 11.42 -4.23 -1.71
N HIS A 205 10.64 -3.21 -1.99
CA HIS A 205 9.28 -3.38 -2.45
C HIS A 205 8.95 -2.34 -3.46
N ARG A 206 7.66 -2.29 -3.87
CA ARG A 206 7.25 -1.36 -4.95
C ARG A 206 5.80 -0.92 -4.82
N PRO A 207 5.53 0.01 -3.89
CA PRO A 207 4.13 0.44 -3.73
C PRO A 207 3.56 0.94 -5.10
N SER A 208 2.29 0.66 -5.33
CA SER A 208 1.57 1.06 -6.50
C SER A 208 0.42 1.88 -6.01
N LEU A 209 0.48 3.13 -6.44
CA LEU A 209 -0.23 4.25 -5.84
C LEU A 209 -1.33 4.84 -6.74
N LYS A 210 -2.51 4.89 -6.20
CA LYS A 210 -3.65 5.51 -6.86
C LYS A 210 -3.56 7.05 -6.99
N SER A 211 -3.27 7.73 -5.89
CA SER A 211 -3.58 9.18 -5.81
C SER A 211 -2.40 10.08 -6.20
N ILE A 212 -1.26 9.80 -5.62
CA ILE A 212 -0.04 10.49 -5.97
C ILE A 212 1.11 9.57 -5.64
N GLY A 213 2.18 9.72 -6.40
CA GLY A 213 3.39 8.89 -6.28
C GLY A 213 3.58 8.08 -7.53
N ASN A 214 4.82 7.91 -7.91
CA ASN A 214 5.12 7.13 -9.06
C ASN A 214 5.38 5.67 -8.68
N LEU A 215 5.44 4.82 -9.68
CA LEU A 215 5.79 3.39 -9.49
C LEU A 215 7.30 3.25 -9.26
N ASP A 216 7.67 3.46 -8.01
CA ASP A 216 9.01 3.62 -7.57
C ASP A 216 9.42 2.48 -6.60
N ILE A 217 10.71 2.13 -6.59
CA ILE A 217 11.20 1.17 -5.66
C ILE A 217 11.31 1.81 -4.33
N TRP A 218 10.83 1.09 -3.31
CA TRP A 218 10.99 1.48 -1.92
C TRP A 218 11.76 0.40 -1.18
N ILE A 219 12.07 0.68 0.09
CA ILE A 219 12.73 -0.28 0.94
C ILE A 219 12.12 -0.27 2.34
N ALA A 220 12.13 -1.41 3.03
CA ALA A 220 11.70 -1.45 4.39
C ALA A 220 12.69 -2.26 5.18
N SER A 221 12.63 -2.09 6.48
CA SER A 221 13.39 -2.90 7.42
C SER A 221 12.48 -3.79 8.22
N SER A 222 13.05 -4.82 8.84
CA SER A 222 12.30 -5.84 9.60
C SER A 222 13.19 -6.43 10.71
N PRO A 223 12.63 -6.67 11.89
CA PRO A 223 13.35 -7.49 12.90
C PRO A 223 13.27 -8.98 12.66
N ASP A 224 12.32 -9.47 11.86
CA ASP A 224 12.03 -10.90 11.89
C ASP A 224 11.60 -11.55 10.54
N LEU A 225 11.59 -10.80 9.45
CA LEU A 225 11.08 -11.23 8.14
C LEU A 225 9.62 -11.65 8.11
N ARG A 226 8.83 -11.04 9.02
CA ARG A 226 7.35 -11.19 9.10
C ARG A 226 6.60 -9.83 9.11
N SER A 227 7.19 -8.84 9.78
CA SER A 227 6.67 -7.54 9.90
C SER A 227 7.73 -6.57 9.39
N PHE A 228 7.26 -5.58 8.62
CA PHE A 228 8.15 -4.63 7.97
C PHE A 228 7.74 -3.23 8.32
N GLY A 229 8.73 -2.34 8.37
CA GLY A 229 8.50 -0.95 8.75
C GLY A 229 9.57 -0.01 8.26
N ASP A 230 9.55 1.19 8.80
CA ASP A 230 10.51 2.24 8.48
C ASP A 230 10.62 2.40 6.93
N HIS A 231 9.46 2.57 6.28
CA HIS A 231 9.37 2.51 4.85
C HIS A 231 10.02 3.75 4.29
N ARG A 232 10.95 3.54 3.37
CA ARG A 232 11.54 4.64 2.65
C ARG A 232 11.46 4.54 1.11
N HIS A 233 11.39 5.71 0.47
CA HIS A 233 11.59 5.85 -0.97
C HIS A 233 13.05 5.61 -1.34
N LEU A 234 13.29 4.94 -2.44
CA LEU A 234 14.66 4.48 -2.79
C LEU A 234 15.04 4.80 -4.24
N LEU A 235 14.36 4.30 -5.26
CA LEU A 235 14.69 4.59 -6.65
C LEU A 235 13.41 4.95 -7.40
N GLY A 236 13.37 6.14 -7.97
CA GLY A 236 12.27 6.57 -8.76
C GLY A 236 12.51 6.53 -10.24
N ILE A 237 11.43 6.79 -10.95
CA ILE A 237 11.41 6.71 -12.37
C ILE A 237 12.16 7.91 -12.92
N ARG A 238 12.57 7.86 -14.19
CA ARG A 238 13.34 8.91 -14.79
C ARG A 238 12.69 9.26 -16.11
N PRO A 239 12.01 10.41 -16.15
CA PRO A 239 11.42 10.81 -17.42
C PRO A 239 12.42 10.89 -18.56
N GLY A 240 11.96 10.44 -19.70
CA GLY A 240 12.76 10.35 -20.87
C GLY A 240 13.77 9.24 -20.96
N GLU A 241 13.86 8.39 -19.95
CA GLU A 241 14.84 7.31 -19.95
C GLU A 241 14.15 5.98 -20.04
N TYR A 242 14.97 4.93 -19.98
CA TYR A 242 14.47 3.55 -20.14
C TYR A 242 13.47 3.14 -19.02
N ASP A 243 13.57 3.81 -17.87
CA ASP A 243 12.71 3.58 -16.72
C ASP A 243 11.77 4.77 -16.39
N SER A 244 11.17 5.32 -17.43
CA SER A 244 10.32 6.50 -17.32
C SER A 244 8.95 6.11 -16.83
N GLY A 245 8.55 4.84 -17.02
CA GLY A 245 7.15 4.40 -16.69
C GLY A 245 7.06 3.83 -15.30
N ARG A 246 7.98 2.91 -14.99
CA ARG A 246 8.00 2.26 -13.68
C ARG A 246 9.33 1.63 -13.48
N VAL A 247 9.65 1.39 -12.22
CA VAL A 247 10.73 0.54 -11.82
C VAL A 247 10.27 -0.50 -10.77
N GLY A 248 10.92 -1.65 -10.72
CA GLY A 248 10.71 -2.65 -9.70
C GLY A 248 11.96 -3.52 -9.50
N GLY A 249 12.15 -4.05 -8.29
CA GLY A 249 13.20 -4.99 -8.01
C GLY A 249 13.06 -6.21 -8.89
N GLY A 250 14.19 -6.83 -9.22
CA GLY A 250 14.26 -7.97 -10.12
C GLY A 250 14.78 -9.17 -9.34
N CYS A 251 16.12 -9.15 -9.21
CA CYS A 251 16.90 -10.13 -8.52
C CYS A 251 17.09 -9.78 -7.07
N VAL A 252 17.35 -10.84 -6.28
CA VAL A 252 17.82 -10.67 -4.89
C VAL A 252 19.10 -9.78 -4.87
N PRO A 253 19.13 -8.83 -3.94
CA PRO A 253 20.34 -8.01 -3.93
C PRO A 253 21.57 -8.91 -3.70
N ILE A 254 22.67 -8.50 -4.29
CA ILE A 254 23.87 -9.26 -4.39
C ILE A 254 24.92 -8.47 -3.63
N LYS A 255 25.46 -9.07 -2.56
CA LYS A 255 26.54 -8.43 -1.77
C LYS A 255 27.84 -8.44 -2.55
N THR A 256 28.38 -7.26 -2.80
CA THR A 256 29.73 -7.04 -3.32
C THR A 256 30.50 -6.15 -2.31
N GLU A 257 31.81 -6.09 -2.50
CA GLU A 257 32.68 -5.13 -1.77
C GLU A 257 32.38 -3.61 -1.90
N GLU A 258 31.81 -3.19 -3.03
CA GLU A 258 31.40 -1.80 -3.24
C GLU A 258 29.97 -1.42 -2.70
N GLY A 259 29.23 -2.42 -2.21
CA GLY A 259 27.82 -2.25 -1.78
C GLY A 259 26.90 -3.36 -2.25
N TRP A 260 25.59 -3.20 -2.05
CA TRP A 260 24.55 -4.15 -2.58
C TRP A 260 24.22 -3.79 -4.02
N LEU A 261 24.44 -4.76 -4.92
CA LEU A 261 24.18 -4.62 -6.35
C LEU A 261 22.76 -5.10 -6.62
N ILE A 262 21.94 -4.15 -7.08
CA ILE A 262 20.49 -4.32 -7.30
C ILE A 262 20.27 -4.41 -8.79
N LEU A 263 19.85 -5.57 -9.32
CA LEU A 263 19.50 -5.72 -10.72
C LEU A 263 17.95 -5.52 -10.81
N TYR A 264 17.52 -4.37 -11.34
CA TYR A 264 16.09 -4.02 -11.27
C TYR A 264 15.55 -3.97 -12.69
N HIS A 265 14.23 -4.00 -12.85
CA HIS A 265 13.58 -3.84 -14.15
C HIS A 265 13.05 -2.42 -14.25
N GLY A 266 12.97 -1.95 -15.48
CA GLY A 266 12.63 -0.58 -15.80
C GLY A 266 11.81 -0.71 -17.05
N ALA A 267 10.68 -0.03 -17.05
CA ALA A 267 9.86 0.06 -18.22
C ALA A 267 9.52 1.50 -18.63
N THR A 268 9.42 1.74 -19.93
CA THR A 268 8.84 2.94 -20.41
C THR A 268 7.33 2.90 -20.18
N GLU A 269 6.74 4.06 -20.42
CA GLU A 269 5.31 4.25 -20.50
C GLU A 269 4.72 3.42 -21.63
N GLU A 270 5.46 3.02 -22.65
CA GLU A 270 4.93 2.05 -23.66
C GLU A 270 5.12 0.56 -23.24
N ASN A 271 5.58 0.29 -22.01
CA ASN A 271 5.76 -1.09 -21.51
C ASN A 271 6.81 -1.93 -22.18
N ARG A 272 7.86 -1.28 -22.67
CA ARG A 272 9.10 -2.00 -23.01
C ARG A 272 9.92 -2.19 -21.73
N TYR A 273 10.16 -3.45 -21.35
CA TYR A 273 10.88 -3.78 -20.12
C TYR A 273 12.35 -4.17 -20.37
N VAL A 274 13.23 -3.56 -19.60
CA VAL A 274 14.68 -3.85 -19.67
C VAL A 274 15.15 -4.07 -18.28
N MET A 275 16.40 -4.52 -18.11
CA MET A 275 17.04 -4.59 -16.82
C MET A 275 18.12 -3.51 -16.72
N GLY A 276 18.22 -2.92 -15.52
CA GLY A 276 19.18 -1.91 -15.14
C GLY A 276 19.81 -2.29 -13.81
N ALA A 277 20.71 -1.47 -13.29
CA ALA A 277 21.35 -1.81 -12.02
C ALA A 277 21.51 -0.59 -11.16
N ALA A 278 21.58 -0.80 -9.87
CA ALA A 278 21.96 0.22 -8.95
C ALA A 278 22.80 -0.41 -7.87
N LEU A 279 23.42 0.48 -7.11
CA LEU A 279 24.32 0.10 -6.02
C LEU A 279 24.00 0.84 -4.72
N LEU A 280 23.79 0.11 -3.65
CA LEU A 280 23.44 0.72 -2.40
C LEU A 280 24.58 0.57 -1.39
N ASP A 281 24.76 1.58 -0.55
CA ASP A 281 25.63 1.42 0.60
C ASP A 281 25.48 0.06 1.34
N LEU A 282 26.63 -0.56 1.55
CA LEU A 282 26.78 -1.85 2.23
C LEU A 282 26.17 -1.96 3.59
N ASN A 283 26.33 -0.90 4.37
CA ASN A 283 25.92 -0.89 5.78
C ASN A 283 24.54 -0.32 6.01
N ASP A 284 24.17 0.69 5.23
CA ASP A 284 22.83 1.30 5.30
C ASP A 284 22.23 1.30 3.89
N PRO A 285 21.51 0.25 3.51
CA PRO A 285 21.05 0.13 2.13
C PRO A 285 19.93 1.11 1.68
N THR A 286 19.49 2.00 2.54
CA THR A 286 18.57 3.05 2.17
C THR A 286 19.34 4.10 1.43
N ILE A 287 20.67 4.01 1.35
CA ILE A 287 21.45 4.98 0.59
C ILE A 287 21.82 4.41 -0.77
N VAL A 288 21.45 5.15 -1.80
CA VAL A 288 21.79 4.78 -3.17
C VAL A 288 23.12 5.38 -3.56
N LEU A 289 24.08 4.58 -4.01
CA LEU A 289 25.40 5.11 -4.45
C LEU A 289 25.44 5.44 -5.90
N LYS A 290 24.97 4.53 -6.72
CA LYS A 290 25.08 4.65 -8.16
C LYS A 290 23.91 3.93 -8.83
N ARG A 291 23.69 4.31 -10.09
CA ARG A 291 22.60 3.76 -10.87
C ARG A 291 23.01 3.83 -12.28
N THR A 292 22.73 2.81 -13.08
CA THR A 292 23.03 2.88 -14.48
C THR A 292 22.20 3.92 -15.20
N LYS A 293 22.75 4.38 -16.32
CA LYS A 293 22.12 5.31 -17.22
C LYS A 293 21.66 4.62 -18.45
N THR A 294 22.26 3.47 -18.76
CA THR A 294 21.76 2.60 -19.81
C THR A 294 21.49 1.21 -19.23
N PRO A 295 20.71 0.37 -19.94
CA PRO A 295 20.41 -0.97 -19.48
C PRO A 295 21.54 -1.94 -19.56
N ILE A 296 21.52 -2.94 -18.70
CA ILE A 296 22.41 -4.09 -18.79
C ILE A 296 21.86 -5.22 -19.63
N LEU A 297 20.56 -5.23 -19.86
CA LEU A 297 19.92 -6.28 -20.71
C LEU A 297 18.65 -5.72 -21.31
N GLU A 298 18.42 -5.95 -22.61
CA GLU A 298 17.27 -5.41 -23.33
C GLU A 298 16.64 -6.50 -24.16
N PRO A 299 15.36 -6.38 -24.47
CA PRO A 299 14.69 -7.42 -25.26
C PRO A 299 14.96 -7.33 -26.77
N VAL A 300 16.07 -7.91 -27.24
CA VAL A 300 16.46 -7.91 -28.67
C VAL A 300 16.37 -9.27 -29.34
N ALA A 301 16.46 -10.39 -28.60
CA ALA A 301 16.30 -11.70 -29.30
C ALA A 301 14.79 -11.87 -29.64
N ASP A 302 14.50 -12.70 -30.62
CA ASP A 302 13.11 -12.84 -31.05
C ASP A 302 12.15 -13.38 -29.95
N TYR A 303 12.66 -14.21 -29.05
CA TYR A 303 11.85 -14.73 -27.92
C TYR A 303 11.65 -13.69 -26.82
N GLU A 304 12.49 -12.66 -26.82
CA GLU A 304 12.34 -11.47 -25.98
C GLU A 304 11.37 -10.43 -26.54
N LYS A 305 11.34 -10.29 -27.86
CA LYS A 305 10.52 -9.31 -28.53
C LYS A 305 9.13 -9.81 -28.80
N ASN A 306 8.96 -11.10 -29.07
CA ASN A 306 7.64 -11.59 -29.58
C ASN A 306 7.06 -12.68 -28.70
N GLY A 307 5.81 -12.50 -28.29
CA GLY A 307 5.23 -13.42 -27.33
C GLY A 307 3.89 -12.90 -26.83
N PHE A 308 3.40 -13.39 -25.71
CA PHE A 308 2.12 -12.97 -25.20
C PHE A 308 2.12 -11.43 -24.92
N PHE A 309 3.23 -10.88 -24.45
CA PHE A 309 3.30 -9.44 -24.14
C PHE A 309 4.72 -9.08 -24.48
N GLY A 310 4.90 -8.49 -25.64
CA GLY A 310 6.24 -8.36 -26.27
C GLY A 310 7.15 -7.29 -25.73
N ASP A 311 8.43 -7.43 -26.05
CA ASP A 311 9.47 -6.49 -25.67
C ASP A 311 9.67 -6.45 -24.17
N VAL A 312 9.76 -7.64 -23.61
CA VAL A 312 9.99 -7.82 -22.19
C VAL A 312 11.14 -8.74 -21.87
N VAL A 313 12.12 -8.22 -21.11
CA VAL A 313 12.99 -9.07 -20.27
C VAL A 313 12.70 -8.72 -18.79
N PHE A 314 12.60 -9.75 -17.94
CA PHE A 314 12.12 -9.59 -16.57
C PHE A 314 12.84 -10.64 -15.70
N ALA A 315 14.02 -10.29 -15.19
CA ALA A 315 14.77 -11.21 -14.36
C ALA A 315 14.29 -11.20 -12.93
N CYS A 316 13.84 -12.37 -12.48
CA CYS A 316 13.39 -12.54 -11.11
C CYS A 316 14.38 -13.21 -10.18
N GLY A 317 15.54 -13.59 -10.73
CA GLY A 317 16.61 -14.13 -9.93
C GLY A 317 17.86 -14.49 -10.71
N ALA A 318 18.91 -14.77 -9.95
CA ALA A 318 20.25 -15.04 -10.47
C ALA A 318 21.09 -15.90 -9.50
N ILE A 319 21.83 -16.88 -10.03
CA ILE A 319 22.83 -17.61 -9.24
C ILE A 319 24.24 -17.01 -9.44
N GLN A 320 24.82 -16.64 -8.31
CA GLN A 320 26.22 -16.19 -8.30
C GLN A 320 27.22 -17.40 -8.24
N GLU A 321 28.21 -17.40 -9.15
CA GLU A 321 29.37 -18.30 -9.09
C GLU A 321 30.65 -17.45 -9.30
N GLY A 322 31.29 -17.09 -8.19
CA GLY A 322 32.35 -16.08 -8.22
C GLY A 322 31.91 -14.75 -8.87
N ASP A 323 32.64 -14.34 -9.93
CA ASP A 323 32.35 -13.12 -10.64
C ASP A 323 31.21 -13.39 -11.66
N THR A 324 30.84 -14.66 -11.95
CA THR A 324 29.85 -14.86 -12.98
C THR A 324 28.41 -14.91 -12.37
N LEU A 325 27.48 -14.25 -13.05
CA LEU A 325 26.03 -14.30 -12.67
C LEU A 325 25.26 -15.19 -13.64
N HIS A 326 24.64 -16.26 -13.16
CA HIS A 326 23.75 -17.01 -14.04
C HIS A 326 22.35 -16.41 -13.83
N MET A 327 21.91 -15.57 -14.78
CA MET A 327 20.65 -14.82 -14.60
C MET A 327 19.56 -15.45 -15.40
N TYR A 328 18.43 -15.67 -14.76
CA TYR A 328 17.36 -16.29 -15.49
C TYR A 328 16.25 -15.25 -15.59
N TYR A 329 15.59 -15.16 -16.72
CA TYR A 329 14.60 -14.14 -16.84
C TYR A 329 13.47 -14.58 -17.67
N GLY A 330 12.32 -13.96 -17.37
CA GLY A 330 11.15 -14.07 -18.18
C GLY A 330 11.34 -13.29 -19.45
N VAL A 331 10.74 -13.82 -20.51
CA VAL A 331 10.77 -13.17 -21.81
C VAL A 331 9.38 -13.12 -22.42
N ALA A 332 8.98 -11.89 -22.73
CA ALA A 332 7.74 -11.59 -23.36
C ALA A 332 6.56 -12.13 -22.56
N ASP A 333 6.67 -12.18 -21.22
CA ASP A 333 5.62 -12.82 -20.39
C ASP A 333 5.17 -14.20 -20.96
N THR A 334 6.10 -14.87 -21.64
CA THR A 334 5.78 -16.09 -22.32
C THR A 334 6.62 -17.26 -21.88
N SER A 335 7.95 -17.05 -21.77
CA SER A 335 8.92 -18.13 -21.59
C SER A 335 10.01 -17.74 -20.60
N MET A 336 10.90 -18.70 -20.32
CA MET A 336 12.17 -18.46 -19.58
C MET A 336 13.36 -18.56 -20.49
N ALA A 337 14.32 -17.68 -20.20
CA ALA A 337 15.65 -17.61 -20.83
C ALA A 337 16.73 -17.54 -19.73
N GLY A 338 17.95 -17.88 -20.14
CA GLY A 338 19.14 -17.69 -19.33
C GLY A 338 20.29 -16.94 -20.03
N CYS A 339 21.06 -16.22 -19.22
CA CYS A 339 22.26 -15.61 -19.67
C CYS A 339 23.23 -15.57 -18.51
N ASP A 340 24.53 -15.50 -18.90
CA ASP A 340 25.61 -15.26 -17.97
C ASP A 340 26.15 -13.85 -18.14
N MET A 341 26.40 -13.22 -17.01
CA MET A 341 27.01 -11.87 -16.99
C MET A 341 28.11 -11.89 -15.98
N LYS A 342 28.88 -10.79 -15.92
CA LYS A 342 29.95 -10.64 -14.93
C LYS A 342 29.59 -9.53 -13.98
N ILE A 343 29.64 -9.81 -12.68
CA ILE A 343 29.39 -8.81 -11.69
C ILE A 343 30.30 -7.63 -11.88
N SER A 344 31.59 -7.89 -12.18
CA SER A 344 32.62 -6.83 -12.21
C SER A 344 32.32 -5.87 -13.36
N GLU A 345 31.81 -6.41 -14.45
CA GLU A 345 31.47 -5.54 -15.60
C GLU A 345 30.18 -4.77 -15.35
N ILE A 346 29.29 -5.29 -14.51
CA ILE A 346 28.12 -4.50 -14.14
C ILE A 346 28.59 -3.38 -13.20
N LEU A 347 29.45 -3.74 -12.26
CA LEU A 347 30.03 -2.73 -11.37
C LEU A 347 30.85 -1.62 -12.11
N HIS A 348 31.54 -2.01 -13.18
CA HIS A 348 32.29 -1.07 -14.01
C HIS A 348 31.29 -0.18 -14.73
N GLN A 349 30.23 -0.78 -15.29
CA GLN A 349 29.22 0.09 -15.94
C GLN A 349 28.58 1.09 -14.93
N LEU A 350 28.38 0.68 -13.70
CA LEU A 350 27.88 1.56 -12.66
C LEU A 350 28.89 2.73 -12.44
N GLU A 351 30.19 2.42 -12.32
CA GLU A 351 31.23 3.42 -12.11
C GLU A 351 31.38 4.35 -13.33
N VAL A 352 31.42 3.82 -14.54
CA VAL A 352 31.41 4.68 -15.78
C VAL A 352 30.24 5.67 -15.80
N GLU A 353 29.02 5.20 -15.55
CA GLU A 353 27.82 6.03 -15.67
C GLU A 353 27.48 6.49 -14.27
N MET B 1 -29.70 5.38 18.75
CA MET B 1 -28.75 5.88 19.75
C MET B 1 -29.27 7.12 20.46
N ASN B 2 -29.10 7.13 21.78
CA ASN B 2 -29.27 8.30 22.56
C ASN B 2 -27.95 9.02 22.57
N ILE B 3 -27.87 10.02 21.72
CA ILE B 3 -26.66 10.86 21.62
C ILE B 3 -26.88 12.16 22.33
N TYR B 4 -25.96 12.55 23.21
CA TYR B 4 -25.98 13.86 23.81
C TYR B 4 -24.90 14.79 23.16
N ARG B 5 -25.36 15.73 22.32
CA ARG B 5 -24.50 16.66 21.61
C ARG B 5 -24.23 17.85 22.52
N TYR B 6 -22.97 18.20 22.67
CA TYR B 6 -22.61 19.27 23.58
C TYR B 6 -23.21 20.60 23.19
N GLU B 7 -23.50 21.34 24.25
CA GLU B 7 -24.26 22.56 24.16
C GLU B 7 -23.36 23.56 23.48
N GLU B 8 -22.06 23.42 23.66
CA GLU B 8 -21.14 24.38 23.09
C GLU B 8 -20.81 24.09 21.61
N ASN B 9 -21.32 22.99 21.03
CA ASN B 9 -20.92 22.62 19.68
C ASN B 9 -21.25 23.75 18.71
N PRO B 10 -20.37 24.09 17.74
CA PRO B 10 -19.05 23.47 17.57
C PRO B 10 -18.03 24.01 18.54
N LEU B 11 -17.24 23.12 19.13
CA LEU B 11 -16.26 23.54 20.16
C LEU B 11 -15.15 24.44 19.66
N ILE B 12 -14.61 24.13 18.49
CA ILE B 12 -13.48 24.85 17.91
C ILE B 12 -13.78 24.93 16.42
N THR B 13 -13.76 26.14 15.85
CA THR B 13 -13.89 26.44 14.44
C THR B 13 -12.64 27.17 13.91
N PRO B 14 -12.51 27.32 12.57
CA PRO B 14 -11.46 28.23 11.97
C PRO B 14 -11.26 29.63 12.60
N LEU B 15 -12.35 30.28 13.02
CA LEU B 15 -12.29 31.59 13.69
C LEU B 15 -11.63 31.53 15.03
N ASP B 16 -11.59 30.38 15.68
CA ASP B 16 -10.80 30.25 16.92
C ASP B 16 -9.29 30.11 16.74
N VAL B 17 -8.80 30.01 15.50
CA VAL B 17 -7.40 29.59 15.28
C VAL B 17 -6.78 30.57 14.32
N LYS B 18 -5.66 31.16 14.75
CA LYS B 18 -4.94 32.11 13.90
C LYS B 18 -3.85 31.40 13.07
N PRO B 19 -3.71 31.82 11.78
CA PRO B 19 -2.76 31.22 10.85
C PRO B 19 -1.33 31.45 11.27
N ILE B 20 -0.48 30.43 11.14
CA ILE B 20 0.99 30.55 11.46
C ILE B 20 1.83 30.98 10.27
N HIS B 21 1.24 30.97 9.06
CA HIS B 21 1.90 31.44 7.86
C HIS B 21 1.35 32.79 7.42
N GLU B 22 2.25 33.74 7.23
CA GLU B 22 1.99 34.98 6.47
C GLU B 22 1.17 34.79 5.17
N GLY B 23 0.09 35.54 5.05
CA GLY B 23 -0.75 35.53 3.89
C GLY B 23 -1.52 34.21 3.69
N PHE B 24 -1.71 33.43 4.76
CA PHE B 24 -2.56 32.27 4.70
C PHE B 24 -3.81 32.53 5.56
N GLU B 25 -4.90 31.83 5.24
CA GLU B 25 -6.05 31.71 6.17
C GLU B 25 -6.27 30.27 6.66
N VAL B 26 -6.80 30.13 7.88
CA VAL B 26 -7.14 28.84 8.44
C VAL B 26 -8.48 28.45 7.88
N ILE B 27 -8.55 27.28 7.27
CA ILE B 27 -9.81 26.78 6.73
C ILE B 27 -10.38 25.57 7.49
N GLY B 28 -9.59 24.97 8.37
CA GLY B 28 -10.05 23.78 9.06
C GLY B 28 -9.35 23.69 10.37
N ALA B 29 -10.10 23.32 11.40
CA ALA B 29 -9.50 22.87 12.68
C ALA B 29 -10.33 21.70 13.09
N PHE B 30 -9.91 20.52 12.70
CA PHE B 30 -10.84 19.39 12.55
C PHE B 30 -10.13 18.06 12.70
N ASN B 31 -10.88 16.95 12.58
CA ASN B 31 -10.32 15.58 12.71
C ASN B 31 -9.29 15.43 13.79
N GLY B 32 -9.61 15.93 14.96
CA GLY B 32 -8.72 15.86 16.13
C GLY B 32 -8.47 14.49 16.76
N GLY B 33 -7.19 14.11 16.88
CA GLY B 33 -6.84 13.00 17.74
C GLY B 33 -7.09 13.35 19.20
N VAL B 34 -7.32 12.34 20.02
CA VAL B 34 -7.75 12.52 21.39
C VAL B 34 -6.87 11.75 22.35
N ALA B 35 -6.34 12.43 23.37
CA ALA B 35 -5.69 11.81 24.55
C ALA B 35 -6.05 12.51 25.91
N GLU B 36 -5.90 11.77 27.01
CA GLU B 36 -5.85 12.34 28.40
C GLU B 36 -4.39 12.43 28.79
N TYR B 37 -3.95 13.62 29.18
CA TYR B 37 -2.62 13.82 29.72
C TYR B 37 -2.65 14.86 30.86
N ASN B 38 -2.21 14.39 32.04
CA ASN B 38 -1.95 15.27 33.19
C ASN B 38 -3.25 16.00 33.61
N GLY B 39 -4.33 15.23 33.71
CA GLY B 39 -5.64 15.75 34.02
C GLY B 39 -6.32 16.66 33.01
N GLU B 40 -5.87 16.71 31.76
CA GLU B 40 -6.64 17.44 30.71
C GLU B 40 -6.99 16.50 29.50
N VAL B 41 -8.02 16.87 28.75
CA VAL B 41 -8.25 16.23 27.46
C VAL B 41 -7.51 17.05 26.43
N LEU B 42 -6.66 16.35 25.67
CA LEU B 42 -5.95 16.90 24.52
C LEU B 42 -6.69 16.51 23.24
N LEU B 43 -6.92 17.53 22.44
CA LEU B 43 -7.32 17.35 21.04
C LEU B 43 -6.11 17.67 20.16
N LEU B 44 -5.68 16.73 19.33
CA LEU B 44 -4.62 17.00 18.36
C LEU B 44 -5.27 17.43 17.04
N LEU B 45 -5.50 18.73 16.93
CA LEU B 45 -6.22 19.27 15.80
C LEU B 45 -5.41 19.24 14.50
N ARG B 46 -6.08 18.94 13.39
CA ARG B 46 -5.59 19.17 12.11
C ARG B 46 -6.00 20.55 11.76
N VAL B 47 -5.00 21.41 11.60
CA VAL B 47 -5.21 22.77 11.12
C VAL B 47 -4.72 22.81 9.67
N ALA B 48 -5.62 23.18 8.78
CA ALA B 48 -5.34 23.30 7.39
C ALA B 48 -5.35 24.76 7.09
N GLU B 49 -4.37 25.21 6.29
CA GLU B 49 -4.21 26.58 5.89
C GLU B 49 -4.03 26.70 4.39
N LYS B 50 -4.59 27.75 3.88
CA LYS B 50 -4.66 27.99 2.47
C LYS B 50 -4.05 29.38 2.21
N PRO B 51 -3.14 29.47 1.25
CA PRO B 51 -2.70 30.81 0.80
C PRO B 51 -3.86 31.62 0.16
N VAL B 52 -3.92 32.92 0.38
CA VAL B 52 -4.85 33.83 -0.34
C VAL B 52 -4.11 34.19 -1.64
N SER B 53 -4.79 34.17 -2.79
CA SER B 53 -4.16 34.69 -4.02
C SER B 53 -4.82 36.05 -4.23
N GLU B 54 -4.03 37.08 -4.57
CA GLU B 54 -4.61 38.39 -4.94
C GLU B 54 -5.04 38.36 -6.40
N ASP B 55 -4.49 37.43 -7.15
CA ASP B 55 -4.93 37.15 -8.51
C ASP B 55 -5.91 35.97 -8.51
N PRO B 56 -7.19 36.23 -8.84
CA PRO B 56 -8.25 35.15 -8.76
C PRO B 56 -8.31 34.19 -9.98
N GLU B 57 -7.44 34.42 -10.97
CA GLU B 57 -7.16 33.49 -12.07
C GLU B 57 -6.05 32.43 -11.78
N ILE B 58 -5.38 32.55 -10.64
CA ILE B 58 -4.27 31.72 -10.20
C ILE B 58 -4.63 31.09 -8.85
N VAL B 59 -4.38 29.81 -8.74
CA VAL B 59 -4.55 29.04 -7.49
C VAL B 59 -3.15 28.60 -7.06
N LEU B 60 -2.91 28.63 -5.76
CA LEU B 60 -1.60 28.34 -5.17
C LEU B 60 -1.64 26.99 -4.43
N ALA B 61 -0.64 26.12 -4.67
CA ALA B 61 -0.39 24.91 -3.91
C ALA B 61 0.68 25.17 -2.90
N PRO B 62 0.36 25.02 -1.60
CA PRO B 62 1.37 25.27 -0.57
C PRO B 62 2.20 24.04 -0.20
N VAL B 63 3.38 23.98 -0.80
CA VAL B 63 4.31 22.86 -0.71
C VAL B 63 5.46 23.22 0.21
N TYR B 64 5.68 22.36 1.19
CA TYR B 64 6.81 22.47 2.06
C TYR B 64 8.06 21.89 1.40
N ASN B 65 9.15 22.67 1.33
CA ASN B 65 10.42 22.17 0.76
C ASN B 65 11.28 21.66 1.89
N ALA B 66 11.59 20.36 1.85
CA ALA B 66 12.33 19.73 2.93
C ALA B 66 13.83 20.12 2.95
N LYS B 67 14.39 20.53 1.81
CA LYS B 67 15.83 20.93 1.74
C LYS B 67 15.94 22.27 2.48
N ASN B 68 15.19 23.26 2.03
CA ASN B 68 15.17 24.60 2.62
C ASN B 68 14.36 24.82 3.87
N LYS B 69 13.50 23.86 4.18
CA LYS B 69 12.67 23.95 5.37
C LYS B 69 11.74 25.17 5.34
N GLU B 70 11.07 25.41 4.23
CA GLU B 70 10.10 26.46 4.17
C GLU B 70 9.12 26.25 3.00
N LEU B 71 8.03 26.98 2.99
CA LEU B 71 7.09 26.87 1.93
C LEU B 71 7.65 27.43 0.71
N GLU B 72 7.26 26.82 -0.39
CA GLU B 72 7.51 27.33 -1.72
C GLU B 72 6.28 27.05 -2.54
N LEU B 73 5.48 28.09 -2.74
CA LEU B 73 4.19 28.03 -3.39
C LEU B 73 4.34 27.77 -4.85
N GLN B 74 3.40 27.05 -5.44
CA GLN B 74 3.42 26.74 -6.83
C GLN B 74 2.12 27.16 -7.35
N SER B 75 2.13 27.83 -8.50
CA SER B 75 0.96 28.49 -9.10
C SER B 75 0.40 27.72 -10.24
N PHE B 76 -0.91 27.74 -10.35
CA PHE B 76 -1.57 27.11 -11.43
C PHE B 76 -2.70 28.00 -11.83
N ARG B 77 -2.91 28.10 -13.12
CA ARG B 77 -3.93 28.96 -13.71
C ARG B 77 -5.17 28.17 -13.67
N LEU B 78 -6.28 28.71 -13.19
CA LEU B 78 -7.58 28.03 -13.33
C LEU B 78 -7.94 27.72 -14.74
N ASP B 79 -7.45 28.53 -15.70
CA ASP B 79 -7.68 28.27 -17.14
C ASP B 79 -6.77 27.17 -17.78
N ASP B 80 -5.84 26.55 -17.02
CA ASP B 80 -4.88 25.57 -17.56
C ASP B 80 -5.63 24.29 -17.88
N GLU B 81 -5.80 24.02 -19.15
CA GLU B 81 -6.68 22.92 -19.61
C GLU B 81 -6.15 21.47 -19.28
N ASN B 82 -4.90 21.35 -18.82
CA ASN B 82 -4.37 20.13 -18.22
C ASN B 82 -4.95 19.74 -16.84
N TYR B 83 -5.60 20.68 -16.14
CA TYR B 83 -5.98 20.51 -14.76
C TYR B 83 -7.46 20.72 -14.55
N ASP B 84 -7.93 20.22 -13.41
CA ASP B 84 -9.30 20.25 -13.06
C ASP B 84 -9.31 20.76 -11.64
N PHE B 85 -10.09 21.81 -11.37
CA PHE B 85 -10.08 22.38 -10.03
C PHE B 85 -11.43 22.23 -9.39
N GLU B 86 -12.23 21.30 -9.89
CA GLU B 86 -13.60 21.14 -9.36
C GLU B 86 -13.67 20.57 -7.97
N ASP B 87 -12.62 19.86 -7.52
CA ASP B 87 -12.57 19.49 -6.11
C ASP B 87 -11.64 20.54 -5.45
N PRO B 88 -12.22 21.47 -4.67
CA PRO B 88 -11.40 22.61 -4.18
C PRO B 88 -10.30 22.19 -3.14
N ARG B 89 -10.33 20.95 -2.65
CA ARG B 89 -9.17 20.39 -1.90
C ARG B 89 -7.89 20.12 -2.72
N MET B 90 -7.99 20.13 -4.06
CA MET B 90 -6.96 19.61 -4.92
C MET B 90 -6.88 20.19 -6.29
N ILE B 91 -5.67 20.12 -6.83
CA ILE B 91 -5.39 20.40 -8.21
C ILE B 91 -5.13 19.01 -8.87
N ARG B 92 -5.99 18.61 -9.79
CA ARG B 92 -5.99 17.30 -10.40
C ARG B 92 -5.67 17.41 -11.89
N SER B 93 -4.81 16.50 -12.34
CA SER B 93 -4.67 16.21 -13.77
C SER B 93 -5.98 15.68 -14.34
N LYS B 94 -6.34 16.21 -15.53
CA LYS B 94 -7.59 15.75 -16.17
C LYS B 94 -7.49 14.25 -16.53
N ALA B 95 -6.29 13.78 -16.80
CA ALA B 95 -6.06 12.38 -17.11
C ALA B 95 -5.98 11.52 -15.80
N LYS B 96 -6.15 12.11 -14.61
CA LYS B 96 -6.05 11.34 -13.36
C LYS B 96 -6.96 11.89 -12.29
N LEU B 97 -8.26 11.88 -12.55
CA LEU B 97 -9.25 12.39 -11.60
C LEU B 97 -9.36 11.56 -10.31
N GLU B 98 -8.87 10.32 -10.30
CA GLU B 98 -8.83 9.45 -9.15
C GLU B 98 -7.75 9.88 -8.12
N GLY B 99 -6.91 10.82 -8.52
CA GLY B 99 -5.78 11.30 -7.69
C GLY B 99 -5.67 12.82 -7.63
N PHE B 100 -4.49 13.28 -7.32
CA PHE B 100 -4.18 14.68 -7.28
C PHE B 100 -2.71 14.89 -7.53
N SER B 101 -2.40 16.04 -8.12
CA SER B 101 -1.01 16.54 -8.27
C SER B 101 -0.60 17.41 -7.09
N TYR B 102 -1.54 18.21 -6.55
CA TYR B 102 -1.30 19.06 -5.38
C TYR B 102 -2.59 19.21 -4.53
N LEU B 103 -2.41 19.49 -3.25
CA LEU B 103 -3.51 19.97 -2.38
C LEU B 103 -3.50 21.51 -2.45
N THR B 104 -4.65 22.11 -2.25
CA THR B 104 -4.81 23.56 -2.18
C THR B 104 -4.61 24.13 -0.77
N SER B 105 -4.46 23.25 0.22
CA SER B 105 -4.14 23.61 1.60
C SER B 105 -2.90 22.83 2.10
N LEU B 106 -2.37 23.26 3.23
CA LEU B 106 -1.39 22.45 3.94
C LEU B 106 -1.80 22.37 5.37
N SER B 107 -1.68 21.15 5.90
CA SER B 107 -2.07 20.86 7.22
C SER B 107 -0.87 20.60 8.14
N TYR B 108 -1.08 20.89 9.44
CA TYR B 108 -0.19 20.49 10.52
C TYR B 108 -1.05 20.20 11.71
N ILE B 109 -0.43 19.72 12.77
CA ILE B 109 -1.12 19.36 14.00
C ILE B 109 -0.85 20.39 15.13
N ARG B 110 -1.92 20.85 15.79
CA ARG B 110 -1.87 21.71 16.95
C ARG B 110 -2.78 21.20 18.07
N ILE B 111 -2.25 21.18 19.28
CA ILE B 111 -2.94 20.72 20.48
C ILE B 111 -3.86 21.80 21.05
N ALA B 112 -5.06 21.41 21.43
CA ALA B 112 -5.96 22.22 22.31
C ALA B 112 -6.28 21.38 23.56
N ARG B 113 -6.37 22.06 24.72
CA ARG B 113 -6.59 21.35 26.00
C ARG B 113 -7.79 21.86 26.79
N SER B 114 -8.40 20.95 27.52
CA SER B 114 -9.60 21.24 28.32
C SER B 114 -9.53 20.55 29.67
N LYS B 115 -9.86 21.30 30.74
CA LYS B 115 -10.12 20.73 32.10
C LYS B 115 -11.42 19.96 32.03
N ASP B 116 -12.46 20.59 31.50
CA ASP B 116 -13.83 20.06 31.59
C ASP B 116 -14.33 19.20 30.38
N GLY B 117 -13.56 19.12 29.28
CA GLY B 117 -13.94 18.31 28.11
C GLY B 117 -14.82 19.03 27.11
N HIS B 118 -15.21 20.27 27.44
CA HIS B 118 -16.15 21.06 26.65
C HIS B 118 -15.52 22.41 26.20
N HIS B 119 -14.64 23.02 27.01
CA HIS B 119 -14.07 24.36 26.71
C HIS B 119 -12.59 24.15 26.52
N PHE B 120 -12.11 24.52 25.34
CA PHE B 120 -10.72 24.22 24.91
C PHE B 120 -9.88 25.47 24.76
N THR B 121 -8.62 25.37 25.17
CA THR B 121 -7.58 26.41 24.97
C THR B 121 -6.42 25.81 24.12
N LEU B 122 -6.04 26.50 23.05
CA LEU B 122 -4.94 26.04 22.15
C LEU B 122 -3.60 26.12 22.84
N ASP B 123 -2.72 25.18 22.57
CA ASP B 123 -1.30 25.38 22.85
C ASP B 123 -0.81 26.54 22.04
N GLU B 124 0.22 27.20 22.53
CA GLU B 124 0.71 28.39 21.88
C GLU B 124 1.24 28.11 20.46
N LYS B 125 2.02 27.03 20.29
CA LYS B 125 2.74 26.78 19.05
C LYS B 125 2.25 25.44 18.47
N PRO B 126 2.50 25.18 17.16
CA PRO B 126 2.25 23.86 16.54
C PRO B 126 2.82 22.69 17.31
N PHE B 127 2.16 21.53 17.26
CA PHE B 127 2.72 20.30 17.83
C PHE B 127 3.58 19.52 16.80
N LEU B 128 3.07 19.31 15.59
CA LEU B 128 3.81 18.62 14.49
C LEU B 128 3.56 19.36 13.22
N TYR B 129 4.63 19.78 12.59
CA TYR B 129 4.62 20.49 11.38
C TYR B 129 5.54 19.76 10.40
N PRO B 130 5.19 19.72 9.11
CA PRO B 130 6.08 19.01 8.18
C PRO B 130 7.57 19.15 8.49
N PHE B 131 8.24 18.04 8.69
CA PHE B 131 9.68 18.02 8.96
C PHE B 131 10.56 17.21 8.01
N ASN B 132 10.06 16.71 6.88
CA ASN B 132 10.85 15.81 6.00
C ASN B 132 10.15 15.62 4.65
N GLU B 133 10.82 14.86 3.80
CA GLU B 133 10.45 14.69 2.41
C GLU B 133 9.11 13.88 2.20
N TYR B 134 8.65 13.19 3.24
CA TYR B 134 7.36 12.48 3.25
C TYR B 134 6.13 13.34 3.65
N GLN B 135 6.33 14.63 3.95
CA GLN B 135 5.31 15.44 4.58
C GLN B 135 5.16 16.76 3.88
N THR B 136 5.67 16.85 2.64
CA THR B 136 5.72 18.14 1.95
C THR B 136 4.36 18.73 1.64
N PHE B 137 3.30 17.93 1.57
CA PHE B 137 1.91 18.49 1.35
C PHE B 137 1.10 18.54 2.66
N GLY B 138 1.73 18.08 3.75
CA GLY B 138 1.21 18.20 5.14
C GLY B 138 1.24 16.95 6.00
N ILE B 139 0.90 17.16 7.27
CA ILE B 139 0.69 16.14 8.26
C ILE B 139 -0.78 16.29 8.62
N GLU B 140 -1.50 15.19 8.50
CA GLU B 140 -2.97 15.19 8.60
C GLU B 140 -3.40 14.11 9.56
N ASP B 141 -4.51 14.42 10.24
CA ASP B 141 -5.38 13.43 10.82
C ASP B 141 -4.63 12.54 11.83
N ALA B 142 -4.05 13.18 12.83
CA ALA B 142 -3.33 12.48 13.93
C ALA B 142 -4.26 11.62 14.77
N ARG B 143 -3.92 10.33 14.94
CA ARG B 143 -4.59 9.45 15.90
C ARG B 143 -3.69 9.23 17.11
N VAL B 144 -4.26 9.05 18.31
CA VAL B 144 -3.41 8.90 19.54
C VAL B 144 -3.76 7.68 20.34
N THR B 145 -2.88 6.71 20.38
CA THR B 145 -3.09 5.52 21.17
C THR B 145 -2.08 5.54 22.35
N GLN B 146 -2.60 5.55 23.57
CA GLN B 146 -1.76 5.46 24.77
C GLN B 146 -1.55 4.04 25.25
N ILE B 147 -0.28 3.61 25.41
CA ILE B 147 -0.06 2.28 26.02
C ILE B 147 0.88 2.50 27.19
N GLY B 148 0.34 2.29 28.42
CA GLY B 148 1.04 2.68 29.68
C GLY B 148 1.43 4.12 29.67
N ASP B 149 2.71 4.42 29.78
CA ASP B 149 3.19 5.81 29.76
C ASP B 149 3.37 6.45 28.37
N THR B 150 3.35 5.63 27.33
CA THR B 150 3.72 6.11 25.98
C THR B 150 2.47 6.39 25.11
N TYR B 151 2.43 7.63 24.67
CA TYR B 151 1.48 8.06 23.64
C TYR B 151 2.09 7.87 22.22
N HIS B 152 1.37 7.11 21.40
CA HIS B 152 1.65 6.87 19.97
C HIS B 152 0.79 7.77 19.12
N VAL B 153 1.42 8.77 18.52
CA VAL B 153 0.77 9.71 17.66
C VAL B 153 1.11 9.34 16.19
N ASN B 154 0.12 8.87 15.44
CA ASN B 154 0.35 8.48 14.04
C ASN B 154 -0.58 9.28 13.12
N PHE B 155 -0.12 9.53 11.89
CA PHE B 155 -0.70 10.57 11.07
C PHE B 155 -0.44 10.28 9.60
N SER B 156 -1.27 10.86 8.75
CA SER B 156 -1.06 10.83 7.34
C SER B 156 0.13 11.78 7.00
N ALA B 157 1.05 11.23 6.22
CA ALA B 157 2.22 11.98 5.72
C ALA B 157 2.05 12.09 4.22
N VAL B 158 1.71 13.26 3.72
CA VAL B 158 1.44 13.45 2.30
C VAL B 158 2.63 14.14 1.59
N SER B 159 3.10 13.55 0.50
CA SER B 159 4.13 14.19 -0.34
C SER B 159 3.99 13.67 -1.73
N GLU B 160 4.86 14.16 -2.63
CA GLU B 160 4.93 13.59 -3.97
C GLU B 160 5.29 12.10 -4.04
N PHE B 161 5.78 11.53 -2.92
CA PHE B 161 6.03 10.12 -2.93
C PHE B 161 4.82 9.28 -2.57
N GLY B 162 3.74 9.91 -2.06
CA GLY B 162 2.53 9.21 -1.73
C GLY B 162 1.90 9.67 -0.42
N VAL B 163 0.82 9.01 -0.06
CA VAL B 163 0.19 9.25 1.26
C VAL B 163 0.56 8.11 2.14
N ALA B 164 1.43 8.36 3.11
CA ALA B 164 1.91 7.28 3.97
C ALA B 164 1.42 7.51 5.38
N ASP B 165 1.68 6.54 6.26
CA ASP B 165 1.32 6.71 7.64
C ASP B 165 2.55 6.62 8.51
N ALA B 166 2.81 7.67 9.33
CA ALA B 166 4.04 7.78 10.14
C ALA B 166 3.73 7.96 11.62
N LEU B 167 4.75 7.71 12.44
CA LEU B 167 4.56 7.55 13.89
C LEU B 167 5.55 8.42 14.67
N VAL B 168 5.02 9.12 15.67
CA VAL B 168 5.80 9.82 16.65
C VAL B 168 5.40 9.26 18.01
N THR B 169 6.37 9.04 18.88
CA THR B 169 6.07 8.65 20.28
C THR B 169 6.54 9.71 21.30
N THR B 170 5.85 9.75 22.44
CA THR B 170 6.08 10.76 23.47
C THR B 170 5.43 10.33 24.78
N LYS B 171 6.03 10.80 25.87
CA LYS B 171 5.50 10.60 27.22
C LYS B 171 4.94 11.90 27.81
N ASP B 172 5.29 13.04 27.23
CA ASP B 172 4.92 14.31 27.83
C ASP B 172 4.40 15.34 26.83
N PHE B 173 4.20 14.88 25.58
CA PHE B 173 3.95 15.77 24.46
C PHE B 173 4.95 16.90 24.31
N GLU B 174 6.15 16.74 24.83
CA GLU B 174 7.21 17.77 24.63
C GLU B 174 8.44 17.19 24.00
N ASN B 175 8.83 15.99 24.44
CA ASN B 175 9.92 15.25 23.88
C ASN B 175 9.37 14.13 22.98
N LEU B 176 9.62 14.30 21.69
CA LEU B 176 9.04 13.47 20.68
C LEU B 176 10.13 12.60 20.04
N GLU B 177 9.83 11.33 19.77
CA GLU B 177 10.69 10.40 19.10
C GLU B 177 9.98 9.97 17.77
N TYR B 178 10.58 10.33 16.62
CA TYR B 178 10.07 9.94 15.29
C TYR B 178 10.42 8.48 14.97
N GLN B 179 9.41 7.71 14.59
CA GLN B 179 9.61 6.30 14.34
C GLN B 179 9.46 5.96 12.87
N GLY B 180 9.50 6.93 11.97
CA GLY B 180 9.40 6.63 10.49
C GLY B 180 7.96 6.31 10.00
N ASN B 181 7.85 5.89 8.73
CA ASN B 181 6.61 5.52 8.10
C ASN B 181 6.33 4.09 8.49
N ILE B 182 5.32 3.88 9.36
CA ILE B 182 4.93 2.55 9.83
C ILE B 182 4.06 1.83 8.79
N PHE B 183 3.38 2.58 7.95
CA PHE B 183 2.66 1.98 6.83
C PHE B 183 3.13 2.68 5.55
N ALA B 184 3.48 1.90 4.57
CA ALA B 184 3.86 2.42 3.24
C ALA B 184 2.64 3.04 2.58
N PRO B 185 2.90 3.96 1.61
CA PRO B 185 1.75 4.50 0.89
C PRO B 185 1.19 3.42 0.02
N GLU B 186 -0.08 3.47 -0.37
CA GLU B 186 -1.06 4.51 -0.02
C GLU B 186 -1.94 3.96 1.10
N ASN B 187 -1.92 4.65 2.23
CA ASN B 187 -2.65 4.23 3.45
C ASN B 187 -2.96 5.39 4.39
N LYS B 188 -3.98 5.19 5.20
CA LYS B 188 -4.38 6.11 6.24
C LYS B 188 -5.37 5.44 7.19
N ASP B 189 -5.96 6.21 8.09
CA ASP B 189 -6.95 5.72 9.03
C ASP B 189 -6.37 4.55 9.86
N VAL B 190 -5.12 4.76 10.34
CA VAL B 190 -4.42 3.82 11.07
C VAL B 190 -4.72 4.03 12.58
N LEU B 191 -5.22 2.97 13.20
CA LEU B 191 -5.60 3.00 14.61
C LEU B 191 -4.89 1.87 15.31
N ILE B 192 -3.93 2.26 16.14
CA ILE B 192 -3.22 1.29 16.99
C ILE B 192 -4.08 0.87 18.20
N PHE B 193 -4.19 -0.46 18.36
CA PHE B 193 -4.87 -1.06 19.47
C PHE B 193 -4.08 -0.73 20.81
N PRO B 194 -4.81 -0.42 21.90
CA PRO B 194 -4.27 0.19 23.12
C PRO B 194 -3.57 -0.82 24.08
N GLU B 195 -3.56 -2.11 23.73
CA GLU B 195 -2.75 -3.06 24.45
C GLU B 195 -2.20 -4.17 23.57
N LYS B 196 -1.14 -4.79 24.04
CA LYS B 196 -0.63 -6.04 23.42
C LYS B 196 -1.68 -7.11 23.64
N ILE B 197 -1.92 -7.96 22.66
CA ILE B 197 -3.01 -8.91 22.66
C ILE B 197 -2.44 -10.26 22.20
N ASN B 198 -2.46 -11.21 23.15
CA ASN B 198 -1.80 -12.52 23.07
C ASN B 198 -0.40 -12.48 22.47
N GLY B 199 0.46 -11.61 22.95
CA GLY B 199 1.82 -11.56 22.44
C GLY B 199 2.07 -10.67 21.23
N LYS B 200 1.02 -10.09 20.61
CA LYS B 200 1.17 -9.18 19.46
C LYS B 200 0.45 -7.84 19.62
N TYR B 201 1.08 -6.77 19.21
CA TYR B 201 0.34 -5.50 18.94
C TYR B 201 -0.44 -5.52 17.61
N TYR B 202 -1.46 -4.67 17.50
CA TYR B 202 -2.29 -4.60 16.30
C TYR B 202 -2.64 -3.17 15.89
N ALA B 203 -2.78 -2.99 14.56
CA ALA B 203 -3.27 -1.75 14.01
C ALA B 203 -4.27 -1.97 12.92
N LEU B 204 -5.37 -1.22 12.98
CA LEU B 204 -6.23 -1.12 11.84
C LEU B 204 -5.54 -0.23 10.83
N HIS B 205 -5.89 -0.43 9.57
CA HIS B 205 -5.41 0.49 8.55
C HIS B 205 -6.37 0.42 7.38
N ARG B 206 -5.99 1.04 6.26
CA ARG B 206 -6.97 1.26 5.16
C ARG B 206 -6.24 1.55 3.89
N PRO B 207 -5.71 0.52 3.23
CA PRO B 207 -5.08 0.72 1.93
C PRO B 207 -6.02 1.32 0.92
N SER B 208 -5.49 2.30 0.22
CA SER B 208 -6.19 2.94 -0.89
C SER B 208 -5.53 2.39 -2.15
N LEU B 209 -6.31 1.86 -3.06
CA LEU B 209 -5.79 0.97 -4.06
C LEU B 209 -6.10 1.38 -5.50
N LYS B 210 -5.07 1.42 -6.33
CA LYS B 210 -5.19 1.82 -7.71
C LYS B 210 -5.88 0.84 -8.63
N SER B 211 -5.47 -0.40 -8.56
CA SER B 211 -5.83 -1.33 -9.65
C SER B 211 -7.13 -2.10 -9.41
N ILE B 212 -7.23 -2.64 -8.21
CA ILE B 212 -8.36 -3.41 -7.81
C ILE B 212 -8.40 -3.39 -6.28
N GLY B 213 -9.61 -3.50 -5.76
CA GLY B 213 -9.85 -3.40 -4.33
C GLY B 213 -10.56 -2.11 -4.00
N ASN B 214 -11.45 -2.19 -3.04
CA ASN B 214 -12.23 -1.05 -2.59
C ASN B 214 -11.56 -0.45 -1.38
N LEU B 215 -12.13 0.64 -0.95
CA LEU B 215 -11.59 1.37 0.18
C LEU B 215 -12.04 0.68 1.50
N ASP B 216 -11.32 -0.37 1.89
CA ASP B 216 -11.75 -1.33 2.97
C ASP B 216 -10.78 -1.28 4.16
N ILE B 217 -11.26 -1.47 5.38
CA ILE B 217 -10.43 -1.55 6.60
C ILE B 217 -9.73 -2.89 6.62
N TRP B 218 -8.43 -2.82 6.88
CA TRP B 218 -7.56 -3.91 7.08
C TRP B 218 -7.02 -3.85 8.50
N ILE B 219 -6.26 -4.87 8.86
CA ILE B 219 -5.60 -4.95 10.17
C ILE B 219 -4.22 -5.60 9.97
N ALA B 220 -3.24 -5.23 10.77
CA ALA B 220 -1.92 -5.83 10.78
C ALA B 220 -1.46 -6.01 12.22
N SER B 221 -0.54 -6.95 12.38
CA SER B 221 0.06 -7.27 13.69
C SER B 221 1.47 -6.76 13.69
N SER B 222 2.04 -6.61 14.87
CA SER B 222 3.37 -6.03 15.01
C SER B 222 4.01 -6.62 16.24
N PRO B 223 5.34 -6.82 16.23
CA PRO B 223 5.92 -7.23 17.49
C PRO B 223 6.37 -6.08 18.32
N ASP B 224 6.43 -4.89 17.78
CA ASP B 224 7.11 -3.78 18.44
C ASP B 224 6.51 -2.40 18.17
N LEU B 225 5.37 -2.31 17.44
CA LEU B 225 4.78 -1.01 17.05
C LEU B 225 5.74 -0.14 16.28
N ARG B 226 6.62 -0.78 15.50
CA ARG B 226 7.48 -0.13 14.50
C ARG B 226 7.39 -0.75 13.07
N SER B 227 7.22 -2.07 13.03
CA SER B 227 7.16 -2.89 11.90
C SER B 227 5.84 -3.66 11.99
N PHE B 228 5.11 -3.71 10.87
CA PHE B 228 3.81 -4.38 10.78
C PHE B 228 3.82 -5.44 9.70
N GLY B 229 3.04 -6.48 9.94
CA GLY B 229 2.93 -7.58 9.00
C GLY B 229 1.68 -8.33 9.16
N ASP B 230 1.63 -9.50 8.51
CA ASP B 230 0.45 -10.34 8.49
C ASP B 230 -0.86 -9.55 8.20
N HIS B 231 -0.80 -8.79 7.10
CA HIS B 231 -1.86 -7.93 6.75
C HIS B 231 -3.11 -8.72 6.38
N ARG B 232 -4.26 -8.34 6.92
CA ARG B 232 -5.55 -8.98 6.57
C ARG B 232 -6.68 -8.05 6.27
N HIS B 233 -7.56 -8.49 5.37
CA HIS B 233 -8.78 -7.81 5.16
C HIS B 233 -9.79 -7.95 6.32
N LEU B 234 -10.41 -6.86 6.78
CA LEU B 234 -11.25 -6.87 8.00
C LEU B 234 -12.70 -6.46 7.72
N LEU B 235 -12.90 -5.21 7.27
CA LEU B 235 -14.26 -4.73 7.02
C LEU B 235 -14.39 -4.11 5.66
N GLY B 236 -15.32 -4.61 4.84
CA GLY B 236 -15.41 -4.11 3.46
C GLY B 236 -16.60 -3.23 3.26
N ILE B 237 -16.59 -2.50 2.17
CA ILE B 237 -17.75 -1.74 1.84
C ILE B 237 -18.98 -2.64 1.60
N ARG B 238 -20.17 -2.08 1.71
CA ARG B 238 -21.45 -2.81 1.54
C ARG B 238 -22.42 -2.04 0.66
N PRO B 239 -22.67 -2.51 -0.55
CA PRO B 239 -23.56 -1.83 -1.47
C PRO B 239 -24.92 -1.62 -0.87
N GLY B 240 -25.48 -0.45 -1.14
CA GLY B 240 -26.78 -0.08 -0.64
C GLY B 240 -26.85 0.31 0.81
N GLU B 241 -25.73 0.34 1.57
CA GLU B 241 -25.76 0.64 3.01
C GLU B 241 -25.03 1.95 3.25
N TYR B 242 -25.00 2.41 4.48
CA TYR B 242 -24.37 3.72 4.77
C TYR B 242 -22.84 3.66 4.47
N ASP B 243 -22.26 2.48 4.36
CA ASP B 243 -20.83 2.37 4.05
C ASP B 243 -20.58 1.70 2.67
N SER B 244 -21.38 2.12 1.70
CA SER B 244 -21.30 1.62 0.36
C SER B 244 -20.12 2.16 -0.45
N GLY B 245 -19.60 3.34 -0.11
CA GLY B 245 -18.50 4.00 -0.82
C GLY B 245 -17.08 3.69 -0.26
N ARG B 246 -16.93 3.71 1.06
CA ARG B 246 -15.66 3.45 1.70
C ARG B 246 -15.87 3.24 3.18
N VAL B 247 -14.88 2.64 3.82
CA VAL B 247 -14.79 2.61 5.31
C VAL B 247 -13.38 2.92 5.75
N GLY B 248 -13.23 3.50 6.93
CA GLY B 248 -11.94 3.57 7.60
C GLY B 248 -12.09 3.68 9.10
N GLY B 249 -11.05 3.26 9.78
CA GLY B 249 -11.01 3.36 11.24
C GLY B 249 -11.20 4.77 11.68
N GLY B 250 -11.86 4.94 12.83
CA GLY B 250 -12.18 6.22 13.40
C GLY B 250 -11.51 6.38 14.74
N CYS B 251 -12.13 5.81 15.79
CA CYS B 251 -11.55 5.88 17.14
C CYS B 251 -10.63 4.70 17.45
N VAL B 252 -9.85 4.82 18.52
CA VAL B 252 -9.01 3.70 19.00
C VAL B 252 -9.90 2.58 19.45
N PRO B 253 -9.52 1.32 19.16
CA PRO B 253 -10.44 0.26 19.54
C PRO B 253 -10.66 0.30 21.04
N ILE B 254 -11.89 0.04 21.45
CA ILE B 254 -12.29 0.12 22.87
C ILE B 254 -12.46 -1.29 23.43
N LYS B 255 -11.65 -1.60 24.44
CA LYS B 255 -11.81 -2.92 25.13
C LYS B 255 -13.15 -2.99 25.87
N THR B 256 -13.93 -4.00 25.55
CA THR B 256 -15.14 -4.33 26.23
C THR B 256 -15.06 -5.83 26.49
N GLU B 257 -16.02 -6.33 27.25
CA GLU B 257 -15.94 -7.68 27.75
C GLU B 257 -16.49 -8.53 26.67
N GLU B 258 -17.21 -7.94 25.71
CA GLU B 258 -17.71 -8.69 24.56
C GLU B 258 -16.71 -8.75 23.34
N GLY B 259 -15.61 -8.02 23.37
CA GLY B 259 -14.80 -7.80 22.15
C GLY B 259 -14.19 -6.42 22.09
N TRP B 260 -13.39 -6.22 21.03
CA TRP B 260 -12.92 -4.88 20.69
C TRP B 260 -13.98 -4.12 19.91
N LEU B 261 -14.35 -2.97 20.45
CA LEU B 261 -15.42 -2.16 19.88
C LEU B 261 -14.74 -1.15 18.95
N ILE B 262 -15.11 -1.20 17.68
CA ILE B 262 -14.48 -0.40 16.63
C ILE B 262 -15.52 0.62 16.21
N LEU B 263 -15.26 1.91 16.51
CA LEU B 263 -16.12 2.97 16.03
C LEU B 263 -15.43 3.46 14.77
N TYR B 264 -16.05 3.19 13.62
CA TYR B 264 -15.43 3.45 12.27
C TYR B 264 -16.31 4.38 11.45
N HIS B 265 -15.75 4.99 10.41
CA HIS B 265 -16.52 5.93 9.61
C HIS B 265 -16.83 5.27 8.35
N GLY B 266 -17.99 5.59 7.81
CA GLY B 266 -18.47 4.99 6.63
C GLY B 266 -19.00 6.13 5.78
N ALA B 267 -18.74 6.06 4.47
CA ALA B 267 -19.41 6.94 3.51
C ALA B 267 -20.04 6.19 2.34
N THR B 268 -21.15 6.74 1.89
CA THR B 268 -21.77 6.40 0.64
C THR B 268 -20.93 7.05 -0.46
N GLU B 269 -21.28 6.67 -1.67
CA GLU B 269 -20.71 7.13 -2.95
C GLU B 269 -21.02 8.63 -3.05
N GLU B 270 -22.11 9.08 -2.39
CA GLU B 270 -22.45 10.52 -2.29
C GLU B 270 -21.56 11.30 -1.27
N ASN B 271 -20.66 10.63 -0.54
CA ASN B 271 -19.82 11.30 0.44
C ASN B 271 -20.61 11.86 1.64
N ARG B 272 -21.71 11.21 2.01
CA ARG B 272 -22.25 11.41 3.35
C ARG B 272 -21.48 10.45 4.29
N TYR B 273 -20.83 11.03 5.26
CA TYR B 273 -20.02 10.27 6.24
C TYR B 273 -20.77 10.14 7.58
N VAL B 274 -20.86 8.88 8.05
CA VAL B 274 -21.42 8.58 9.35
C VAL B 274 -20.43 7.73 10.11
N MET B 275 -20.64 7.64 11.41
CA MET B 275 -19.99 6.60 12.24
C MET B 275 -20.86 5.38 12.41
N GLY B 276 -20.25 4.22 12.33
CA GLY B 276 -20.90 2.96 12.63
C GLY B 276 -19.98 2.25 13.62
N ALA B 277 -20.29 0.99 13.89
CA ALA B 277 -19.51 0.18 14.82
C ALA B 277 -19.37 -1.28 14.42
N ALA B 278 -18.25 -1.81 14.80
CA ALA B 278 -18.03 -3.24 14.68
C ALA B 278 -17.49 -3.75 16.00
N LEU B 279 -17.68 -5.07 16.21
CA LEU B 279 -17.13 -5.74 17.36
C LEU B 279 -16.26 -6.89 16.86
N LEU B 280 -15.03 -6.91 17.36
CA LEU B 280 -14.06 -7.91 17.00
C LEU B 280 -13.77 -8.82 18.19
N ASP B 281 -13.52 -10.10 17.90
CA ASP B 281 -13.13 -11.07 18.94
C ASP B 281 -11.98 -10.53 19.76
N LEU B 282 -12.09 -10.76 21.05
CA LEU B 282 -11.21 -10.14 22.05
C LEU B 282 -9.76 -10.65 22.00
N ASN B 283 -9.64 -11.93 21.65
CA ASN B 283 -8.37 -12.67 21.64
C ASN B 283 -7.64 -12.64 20.30
N ASP B 284 -8.41 -12.77 19.23
CA ASP B 284 -7.97 -12.62 17.85
C ASP B 284 -8.82 -11.52 17.13
N PRO B 285 -8.37 -10.25 17.20
CA PRO B 285 -9.16 -9.17 16.62
C PRO B 285 -9.21 -9.17 15.06
N THR B 286 -8.62 -10.19 14.40
CA THR B 286 -8.89 -10.43 13.02
C THR B 286 -10.23 -11.05 12.82
N ILE B 287 -10.91 -11.45 13.89
CA ILE B 287 -12.28 -11.94 13.73
C ILE B 287 -13.36 -10.83 13.96
N VAL B 288 -14.23 -10.67 12.99
CA VAL B 288 -15.36 -9.77 13.09
C VAL B 288 -16.58 -10.58 13.64
N LEU B 289 -17.07 -10.20 14.82
CA LEU B 289 -18.29 -10.80 15.44
C LEU B 289 -19.61 -10.16 15.01
N LYS B 290 -19.61 -8.82 15.01
CA LYS B 290 -20.81 -8.05 14.74
C LYS B 290 -20.47 -6.76 14.07
N ARG B 291 -21.46 -6.29 13.32
CA ARG B 291 -21.42 -5.02 12.69
C ARG B 291 -22.78 -4.39 12.67
N THR B 292 -22.83 -3.06 12.87
CA THR B 292 -24.06 -2.33 12.70
C THR B 292 -24.60 -2.29 11.28
N LYS B 293 -25.93 -2.27 11.17
CA LYS B 293 -26.68 -2.02 9.94
C LYS B 293 -27.16 -0.58 9.77
N THR B 294 -27.18 0.21 10.84
CA THR B 294 -27.48 1.65 10.71
C THR B 294 -26.45 2.36 11.52
N PRO B 295 -26.35 3.67 11.36
CA PRO B 295 -25.22 4.33 12.06
C PRO B 295 -25.40 4.47 13.57
N ILE B 296 -24.32 4.81 14.25
CA ILE B 296 -24.44 5.27 15.60
C ILE B 296 -24.41 6.78 15.72
N LEU B 297 -23.81 7.47 14.77
CA LEU B 297 -23.71 8.97 14.79
C LEU B 297 -23.78 9.44 13.32
N GLU B 298 -24.70 10.32 13.06
CA GLU B 298 -24.89 10.78 11.71
C GLU B 298 -25.09 12.29 11.64
N PRO B 299 -24.79 12.91 10.49
CA PRO B 299 -24.94 14.36 10.41
C PRO B 299 -26.42 14.75 10.36
N VAL B 300 -26.84 15.43 11.41
CA VAL B 300 -28.21 15.94 11.51
C VAL B 300 -28.24 17.39 12.07
N ALA B 301 -27.31 17.75 12.94
CA ALA B 301 -27.29 19.10 13.47
C ALA B 301 -26.72 20.04 12.37
N ASP B 302 -27.13 21.29 12.39
CA ASP B 302 -26.69 22.24 11.34
C ASP B 302 -25.14 22.30 11.14
N TYR B 303 -24.38 22.29 12.22
CA TYR B 303 -22.93 22.38 12.10
C TYR B 303 -22.32 21.07 11.52
N GLU B 304 -23.09 19.98 11.46
CA GLU B 304 -22.65 18.71 10.85
C GLU B 304 -22.99 18.62 9.40
N LYS B 305 -23.72 19.58 8.88
CA LYS B 305 -24.15 19.56 7.48
C LYS B 305 -23.46 20.58 6.59
N ASN B 306 -23.74 20.44 5.30
CA ASN B 306 -23.20 21.34 4.25
C ASN B 306 -21.65 21.41 4.37
N GLY B 307 -21.01 20.22 4.48
CA GLY B 307 -19.65 19.99 3.93
C GLY B 307 -19.75 20.23 2.42
N PHE B 308 -18.62 20.29 1.73
CA PHE B 308 -18.70 20.66 0.33
C PHE B 308 -19.43 19.61 -0.58
N PHE B 309 -19.12 18.33 -0.32
CA PHE B 309 -19.63 17.16 -1.06
C PHE B 309 -20.77 16.45 -0.35
N GLY B 310 -21.05 16.87 0.88
CA GLY B 310 -21.86 16.08 1.77
C GLY B 310 -21.73 16.46 3.22
N ASP B 311 -22.65 15.91 3.97
CA ASP B 311 -22.66 16.08 5.39
C ASP B 311 -21.69 15.06 6.02
N VAL B 312 -20.89 15.50 6.96
CA VAL B 312 -19.78 14.72 7.52
C VAL B 312 -19.72 14.83 9.03
N VAL B 313 -19.85 13.67 9.66
CA VAL B 313 -19.26 13.50 11.00
C VAL B 313 -18.04 12.56 10.90
N PHE B 314 -16.92 12.89 11.54
CA PHE B 314 -15.68 12.12 11.32
C PHE B 314 -14.96 12.02 12.64
N ALA B 315 -15.18 10.93 13.39
CA ALA B 315 -14.63 10.84 14.74
C ALA B 315 -13.30 10.13 14.78
N CYS B 316 -12.28 10.82 15.27
CA CYS B 316 -10.88 10.36 15.26
C CYS B 316 -10.37 10.13 16.67
N GLY B 317 -11.26 10.25 17.65
CA GLY B 317 -10.98 9.73 18.96
C GLY B 317 -12.10 9.97 19.98
N ALA B 318 -11.90 9.36 21.15
CA ALA B 318 -12.88 9.28 22.20
C ALA B 318 -12.19 8.99 23.58
N ILE B 319 -12.70 9.57 24.64
CA ILE B 319 -12.29 9.24 26.01
C ILE B 319 -13.41 8.43 26.65
N GLN B 320 -13.07 7.24 27.16
CA GLN B 320 -13.92 6.40 27.97
C GLN B 320 -13.93 6.86 29.47
N GLU B 321 -15.14 6.93 30.06
CA GLU B 321 -15.40 7.17 31.51
C GLU B 321 -16.47 6.15 31.96
N GLY B 322 -16.04 4.94 32.38
CA GLY B 322 -16.97 3.86 32.60
C GLY B 322 -17.77 3.53 31.36
N ASP B 323 -19.10 3.57 31.45
CA ASP B 323 -20.01 3.28 30.34
C ASP B 323 -20.22 4.47 29.39
N THR B 324 -19.81 5.67 29.83
CA THR B 324 -19.84 6.87 29.01
C THR B 324 -18.61 7.01 28.07
N LEU B 325 -18.90 7.35 26.82
CA LEU B 325 -17.87 7.71 25.86
C LEU B 325 -18.04 9.19 25.48
N HIS B 326 -17.02 9.97 25.74
CA HIS B 326 -16.89 11.35 25.23
C HIS B 326 -16.19 11.28 23.83
N MET B 327 -17.00 11.42 22.79
CA MET B 327 -16.53 11.28 21.44
C MET B 327 -16.32 12.68 20.90
N TYR B 328 -15.10 12.94 20.39
CA TYR B 328 -14.82 14.16 19.62
C TYR B 328 -14.74 13.90 18.13
N TYR B 329 -15.31 14.78 17.34
CA TYR B 329 -15.39 14.50 15.93
C TYR B 329 -15.27 15.73 15.05
N GLY B 330 -14.61 15.54 13.88
CA GLY B 330 -14.63 16.58 12.88
C GLY B 330 -16.00 16.74 12.29
N VAL B 331 -16.37 17.97 11.98
CA VAL B 331 -17.64 18.24 11.31
C VAL B 331 -17.47 19.12 10.06
N ALA B 332 -18.16 18.71 8.99
CA ALA B 332 -18.12 19.44 7.71
C ALA B 332 -16.72 19.74 7.18
N ASP B 333 -15.73 18.95 7.58
CA ASP B 333 -14.31 19.17 7.23
C ASP B 333 -13.73 20.53 7.61
N THR B 334 -14.40 21.23 8.54
CA THR B 334 -13.96 22.50 9.03
C THR B 334 -13.76 22.64 10.53
N SER B 335 -14.52 21.92 11.38
CA SER B 335 -14.52 22.18 12.83
C SER B 335 -14.58 20.90 13.66
N MET B 336 -14.48 21.09 14.98
CA MET B 336 -14.64 20.07 16.00
C MET B 336 -15.94 20.18 16.81
N ALA B 337 -16.56 19.02 17.02
CA ALA B 337 -17.72 18.83 17.88
C ALA B 337 -17.48 17.73 18.88
N GLY B 338 -18.30 17.73 19.91
CA GLY B 338 -18.25 16.73 21.01
C GLY B 338 -19.63 16.16 21.33
N CYS B 339 -19.66 14.88 21.71
CA CYS B 339 -20.88 14.24 22.10
C CYS B 339 -20.63 13.14 23.10
N ASP B 340 -21.66 12.78 23.88
CA ASP B 340 -21.60 11.62 24.77
C ASP B 340 -22.64 10.56 24.36
N MET B 341 -22.32 9.34 24.65
CA MET B 341 -23.20 8.21 24.41
C MET B 341 -22.78 7.07 25.32
N LYS B 342 -23.60 6.05 25.34
CA LYS B 342 -23.25 4.87 26.09
C LYS B 342 -22.72 3.73 25.27
N ILE B 343 -21.57 3.23 25.71
CA ILE B 343 -20.99 1.98 25.25
C ILE B 343 -21.97 0.79 25.29
N SER B 344 -22.69 0.65 26.41
CA SER B 344 -23.73 -0.41 26.54
C SER B 344 -24.76 -0.29 25.46
N GLU B 345 -25.04 0.96 25.10
CA GLU B 345 -26.02 1.17 24.02
C GLU B 345 -25.45 0.83 22.60
N ILE B 346 -24.19 1.10 22.35
CA ILE B 346 -23.56 0.66 21.05
C ILE B 346 -23.57 -0.88 21.01
N LEU B 347 -23.21 -1.52 22.14
CA LEU B 347 -23.16 -3.00 22.22
C LEU B 347 -24.51 -3.62 21.94
N HIS B 348 -25.54 -2.97 22.47
CA HIS B 348 -26.91 -3.41 22.27
C HIS B 348 -27.35 -3.29 20.81
N GLN B 349 -27.12 -2.11 20.20
CA GLN B 349 -27.44 -1.99 18.74
C GLN B 349 -26.65 -3.01 17.90
N LEU B 350 -25.40 -3.28 18.26
CA LEU B 350 -24.67 -4.38 17.55
C LEU B 350 -25.40 -5.72 17.61
N GLU B 351 -25.87 -6.06 18.80
CA GLU B 351 -26.60 -7.30 19.00
C GLU B 351 -27.94 -7.32 18.28
N VAL B 352 -28.72 -6.25 18.41
CA VAL B 352 -30.01 -6.17 17.75
C VAL B 352 -29.86 -6.24 16.25
N GLU B 353 -28.89 -5.55 15.67
CA GLU B 353 -28.84 -5.46 14.24
C GLU B 353 -28.18 -6.67 13.55
N ALA B 354 -27.43 -7.51 14.27
CA ALA B 354 -26.77 -8.67 13.63
C ALA B 354 -27.57 -10.00 13.62
#